data_6HA9
#
_entry.id   6HA9
#
_cell.length_a   56.476
_cell.length_b   97.809
_cell.length_c   158.121
_cell.angle_alpha   90.00
_cell.angle_beta   90.00
_cell.angle_gamma   90.00
#
_symmetry.space_group_name_H-M   'P 21 21 21'
#
loop_
_entity.id
_entity.type
_entity.pdbx_description
1 polymer 'Cellulase, putative, cel5D'
2 branched 'beta-D-glucopyranose-(1-4)-[alpha-D-xylopyranose-(1-6)]beta-D-glucopyranose-(1-4)-[alpha-D-xylopyranose-(1-6)]beta-D-glucopyranose-(1-4)-2,4-dinitrophenyl 2-deoxy-2-fluoro-beta-D-glucopyranoside'
3 branched 'alpha-D-xylopyranose-(1-6)-beta-D-glucopyranose-(1-4)-[alpha-D-xylopyranose-(1-6)]beta-D-glucopyranose-(1-4)-[alpha-D-xylopyranose-(1-6)]beta-D-glucopyranose-(1-4)-2,4-dinitrophenyl 2-deoxy-2-fluoro-beta-D-glucopyranoside'
4 non-polymer 'SULFATE ION'
5 non-polymer GLYCEROL
6 non-polymer 'PENTAETHYLENE GLYCOL'
7 water water
#
_entity_poly.entity_id   1
_entity_poly.type   'polypeptide(L)'
_entity_poly.pdbx_seq_one_letter_code
;MGSSHHHHHHSSGLVPRGSHMASGLYPSYNTSPAAPDSTGMQSTAVQLAGKIRLGWNIGNTMEAIGGETAWGNPMVSNEL
LKLVKDSGFDAVRIPVAWDQYANQESAEISAAWLNRVKQVVQMAIDNELYVLINIHWDGGWLENNITPAKKDENNAKQKA
FWEQIATHLRDFDEHLLFAGTNAPNAENAEQMDVLNSYLQTFVDAVRSTGGKNAYRVLVLQGPVTDIEKTNELWTHMPAD
TATDRLMAEVHFYTPYNFALMRQDESWGKQFYYWGEGFLSTTDTERNPTWGEEATIDQLFDLMKTKFVDQGIPVVLGEFS
AMRRTNLTGDALTLHLAGRAYYHKYVTQQALARGLLPFYWDNGGNDNFSSGIFNRQQNTVFDQQVLDALLEGAGAQ
;
_entity_poly.pdbx_strand_id   A,B
#
# COMPACT_ATOMS: atom_id res chain seq x y z
N GLY A 24 -30.48 -1.04 -0.74
CA GLY A 24 -30.25 0.43 -0.67
C GLY A 24 -29.74 0.84 0.71
N LEU A 25 -28.41 0.89 0.86
CA LEU A 25 -27.76 1.38 2.10
C LEU A 25 -28.00 2.90 2.24
N TYR A 26 -28.11 3.57 1.09
CA TYR A 26 -28.28 5.05 0.95
C TYR A 26 -29.51 5.35 0.10
N PRO A 27 -30.16 6.52 0.28
CA PRO A 27 -31.19 6.96 -0.65
C PRO A 27 -30.66 7.18 -2.08
N SER A 28 -31.54 7.08 -3.08
CA SER A 28 -31.22 7.50 -4.43
C SER A 28 -31.00 9.01 -4.41
N TYR A 29 -29.93 9.47 -5.05
CA TYR A 29 -29.73 10.92 -5.23
C TYR A 29 -29.91 11.23 -6.72
N ASN A 30 -30.63 10.40 -7.46
CA ASN A 30 -30.98 10.73 -8.87
C ASN A 30 -32.47 11.05 -8.94
N THR A 31 -32.84 12.24 -8.43
CA THR A 31 -34.23 12.62 -8.14
C THR A 31 -34.74 13.68 -9.13
N SER A 32 -33.87 14.20 -10.00
CA SER A 32 -34.26 15.21 -10.99
C SER A 32 -33.69 14.91 -12.37
N PRO A 33 -33.61 13.63 -12.85
CA PRO A 33 -32.96 13.33 -14.12
C PRO A 33 -33.56 14.21 -15.22
N ALA A 34 -32.70 14.65 -16.13
CA ALA A 34 -33.06 15.48 -17.24
C ALA A 34 -33.01 14.69 -18.55
N ALA A 35 -33.66 15.25 -19.59
CA ALA A 35 -33.64 14.67 -20.92
C ALA A 35 -32.21 14.74 -21.44
N PRO A 36 -31.69 13.69 -22.13
CA PRO A 36 -30.42 13.79 -22.85
C PRO A 36 -30.30 15.12 -23.61
N ASP A 37 -29.11 15.70 -23.61
CA ASP A 37 -28.91 16.99 -24.21
C ASP A 37 -27.47 17.04 -24.73
N SER A 38 -27.30 17.25 -26.05
CA SER A 38 -25.99 17.20 -26.71
C SER A 38 -25.50 18.57 -27.14
N THR A 39 -26.22 19.64 -26.76
CA THR A 39 -25.87 21.00 -27.02
C THR A 39 -24.49 21.32 -26.42
N GLY A 40 -23.56 21.75 -27.29
CA GLY A 40 -22.16 22.01 -26.91
C GLY A 40 -21.40 20.79 -26.38
N MET A 41 -21.90 19.58 -26.64
CA MET A 41 -21.18 18.31 -26.32
C MET A 41 -20.82 17.51 -27.61
N GLN A 42 -20.31 18.15 -28.67
CA GLN A 42 -20.27 17.54 -30.05
C GLN A 42 -18.95 16.80 -30.34
N SER A 43 -17.89 17.03 -29.56
CA SER A 43 -16.57 16.38 -29.71
C SER A 43 -16.59 14.92 -29.20
N THR A 44 -15.81 14.08 -29.88
CA THR A 44 -15.45 12.74 -29.43
C THR A 44 -14.31 12.85 -28.42
N ALA A 45 -14.10 11.80 -27.62
CA ALA A 45 -12.90 11.71 -26.73
C ALA A 45 -11.66 12.12 -27.54
N VAL A 46 -11.49 11.53 -28.74
CA VAL A 46 -10.28 11.81 -29.59
C VAL A 46 -10.23 13.31 -29.93
N GLN A 47 -11.38 13.91 -30.26
CA GLN A 47 -11.42 15.32 -30.72
C GLN A 47 -11.12 16.26 -29.54
N LEU A 48 -11.70 15.95 -28.37
CA LEU A 48 -11.36 16.66 -27.14
C LEU A 48 -9.87 16.58 -26.82
N ALA A 49 -9.27 15.36 -26.86
CA ALA A 49 -7.84 15.21 -26.52
C ALA A 49 -6.96 16.08 -27.42
N GLY A 50 -7.42 16.27 -28.67
CA GLY A 50 -6.70 17.06 -29.68
C GLY A 50 -6.49 18.52 -29.25
N LYS A 51 -7.36 19.06 -28.39
CA LYS A 51 -7.34 20.50 -28.01
C LYS A 51 -6.46 20.75 -26.78
N ILE A 52 -5.99 19.69 -26.10
CA ILE A 52 -5.24 19.79 -24.79
C ILE A 52 -3.78 19.32 -24.98
N ARG A 53 -2.79 20.20 -24.77
CA ARG A 53 -1.41 19.82 -24.83
C ARG A 53 -0.66 19.94 -23.49
N LEU A 54 -1.19 20.72 -22.55
CA LEU A 54 -0.47 21.00 -21.27
C LEU A 54 -1.47 21.33 -20.16
N GLY A 55 -1.40 20.57 -19.06
CA GLY A 55 -2.32 20.69 -17.93
C GLY A 55 -1.61 20.91 -16.61
N TRP A 56 -2.35 21.52 -15.65
CA TRP A 56 -1.86 21.86 -14.26
C TRP A 56 -2.85 21.29 -13.25
N ASN A 57 -2.34 20.58 -12.24
CA ASN A 57 -3.11 20.19 -11.06
C ASN A 57 -3.14 21.35 -10.03
N ILE A 58 -4.34 21.64 -9.50
CA ILE A 58 -4.54 22.50 -8.33
C ILE A 58 -4.31 21.65 -7.07
N GLY A 59 -3.06 21.28 -6.82
CA GLY A 59 -2.82 20.31 -5.81
C GLY A 59 -2.95 20.86 -4.40
N ASN A 60 -3.22 19.96 -3.45
CA ASN A 60 -3.24 20.28 -1.99
C ASN A 60 -4.21 21.45 -1.76
N THR A 61 -5.39 21.44 -2.43
CA THR A 61 -6.39 22.54 -2.33
C THR A 61 -7.77 21.90 -2.03
N MET A 62 -8.59 21.57 -3.06
CA MET A 62 -9.98 21.13 -2.86
C MET A 62 -10.05 19.69 -2.29
N GLU A 63 -8.93 18.94 -2.27
CA GLU A 63 -8.89 17.58 -1.73
C GLU A 63 -8.23 17.54 -0.35
N ALA A 64 -7.83 18.69 0.18
CA ALA A 64 -7.11 18.72 1.46
C ALA A 64 -8.04 18.30 2.61
N ILE A 65 -7.54 17.42 3.50
CA ILE A 65 -8.27 17.00 4.70
C ILE A 65 -8.22 18.14 5.73
N GLY A 66 -9.36 18.45 6.35
CA GLY A 66 -9.59 19.62 7.23
C GLY A 66 -10.16 20.84 6.54
N GLY A 67 -10.18 20.92 5.19
CA GLY A 67 -10.79 22.04 4.53
C GLY A 67 -9.94 22.45 3.35
N GLU A 68 -10.47 23.33 2.46
CA GLU A 68 -9.74 23.83 1.23
C GLU A 68 -8.42 24.53 1.61
N THR A 69 -8.32 25.25 2.75
CA THR A 69 -7.06 25.93 3.11
C THR A 69 -6.20 25.16 4.12
N ALA A 70 -6.52 23.90 4.47
CA ALA A 70 -5.91 23.22 5.63
C ALA A 70 -4.47 22.72 5.36
N TRP A 71 -4.06 22.65 4.10
CA TRP A 71 -2.76 22.18 3.77
C TRP A 71 -1.90 23.35 3.22
N GLY A 72 -2.24 24.61 3.54
CA GLY A 72 -1.29 25.76 3.37
C GLY A 72 -1.53 26.59 2.14
N ASN A 73 -2.52 26.23 1.33
CA ASN A 73 -2.81 27.00 0.16
C ASN A 73 -4.06 27.86 0.44
N PRO A 74 -4.17 29.05 -0.23
CA PRO A 74 -5.40 29.85 -0.23
C PRO A 74 -6.53 29.17 -1.04
N MET A 75 -7.78 29.56 -0.77
CA MET A 75 -8.96 29.18 -1.53
C MET A 75 -8.74 29.55 -3.02
N VAL A 76 -9.18 28.72 -3.97
CA VAL A 76 -8.92 29.01 -5.39
C VAL A 76 -9.62 30.33 -5.76
N SER A 77 -8.96 31.17 -6.56
CA SER A 77 -9.45 32.47 -6.95
C SER A 77 -9.44 32.57 -8.47
N ASN A 78 -10.35 33.39 -9.01
CA ASN A 78 -10.31 33.73 -10.43
C ASN A 78 -8.91 34.14 -10.82
N GLU A 79 -8.18 34.93 -10.01
N GLU A 79 -8.26 34.93 -9.95
CA GLU A 79 -6.86 35.47 -10.49
CA GLU A 79 -6.90 35.48 -10.16
C GLU A 79 -5.80 34.34 -10.58
C GLU A 79 -5.92 34.35 -10.55
N LEU A 80 -5.87 33.32 -9.72
CA LEU A 80 -4.93 32.12 -9.89
C LEU A 80 -5.23 31.45 -11.21
N LEU A 81 -6.52 31.16 -11.47
CA LEU A 81 -6.91 30.49 -12.72
C LEU A 81 -6.55 31.34 -13.94
N LYS A 82 -6.72 32.66 -13.83
CA LYS A 82 -6.25 33.56 -14.93
C LYS A 82 -4.73 33.43 -15.17
N LEU A 83 -3.91 33.46 -14.09
CA LEU A 83 -2.44 33.20 -14.19
C LEU A 83 -2.14 31.87 -14.93
N VAL A 84 -2.87 30.78 -14.61
CA VAL A 84 -2.57 29.44 -15.14
C VAL A 84 -2.78 29.46 -16.66
N LYS A 85 -3.87 30.07 -17.12
CA LYS A 85 -4.15 30.27 -18.56
C LYS A 85 -3.11 31.18 -19.22
N ASP A 86 -2.90 32.39 -18.70
CA ASP A 86 -1.98 33.34 -19.29
C ASP A 86 -0.54 32.78 -19.26
N SER A 87 -0.23 31.80 -18.40
CA SER A 87 1.08 31.17 -18.37
C SER A 87 1.23 30.15 -19.52
N GLY A 88 0.14 29.67 -20.15
CA GLY A 88 0.25 28.77 -21.32
C GLY A 88 -0.44 27.42 -21.17
N PHE A 89 -1.13 27.19 -20.02
CA PHE A 89 -1.83 25.97 -19.76
C PHE A 89 -3.20 25.95 -20.50
N ASP A 90 -3.59 24.77 -21.02
CA ASP A 90 -4.93 24.55 -21.69
C ASP A 90 -5.96 23.95 -20.72
N ALA A 91 -5.49 23.36 -19.59
CA ALA A 91 -6.43 22.63 -18.74
C ALA A 91 -5.96 22.56 -17.29
N VAL A 92 -6.90 22.24 -16.38
CA VAL A 92 -6.56 21.96 -15.02
C VAL A 92 -7.19 20.62 -14.60
N ARG A 93 -6.47 19.87 -13.75
CA ARG A 93 -7.00 18.72 -12.96
C ARG A 93 -7.28 19.26 -11.55
N ILE A 94 -8.51 19.10 -11.06
CA ILE A 94 -8.91 19.55 -9.74
C ILE A 94 -9.26 18.33 -8.89
N PRO A 95 -8.29 17.86 -8.09
CA PRO A 95 -8.59 16.87 -7.07
C PRO A 95 -9.60 17.44 -6.07
N VAL A 96 -10.66 16.65 -5.72
CA VAL A 96 -11.69 17.10 -4.82
C VAL A 96 -11.94 16.04 -3.76
N ALA A 97 -12.06 16.51 -2.51
CA ALA A 97 -12.47 15.67 -1.39
C ALA A 97 -13.97 15.81 -1.17
N TRP A 98 -14.58 14.74 -0.62
CA TRP A 98 -16.02 14.63 -0.62
C TRP A 98 -16.52 14.02 0.69
N ASP A 99 -15.91 12.93 1.12
CA ASP A 99 -16.38 12.08 2.23
C ASP A 99 -16.43 12.88 3.55
N GLN A 100 -15.41 13.72 3.81
CA GLN A 100 -15.38 14.55 5.06
C GLN A 100 -16.52 15.59 5.04
N TYR A 101 -17.10 15.86 3.86
CA TYR A 101 -18.18 16.81 3.79
C TYR A 101 -19.56 16.12 3.75
N ALA A 102 -19.61 14.80 3.95
CA ALA A 102 -20.89 14.02 3.79
C ALA A 102 -21.39 13.50 5.14
N ASN A 103 -22.72 13.47 5.27
CA ASN A 103 -23.38 12.70 6.32
C ASN A 103 -23.06 11.22 6.13
N GLN A 104 -22.56 10.56 7.18
CA GLN A 104 -22.05 9.21 7.09
C GLN A 104 -23.21 8.18 7.19
N GLU A 105 -24.38 8.57 7.72
CA GLU A 105 -25.63 7.72 7.64
C GLU A 105 -26.19 7.72 6.20
N SER A 106 -26.41 8.88 5.59
CA SER A 106 -27.21 9.02 4.40
C SER A 106 -26.36 9.19 3.12
N ALA A 107 -25.07 9.49 3.31
CA ALA A 107 -24.06 9.86 2.24
C ALA A 107 -24.46 11.16 1.52
N GLU A 108 -25.25 12.01 2.20
CA GLU A 108 -25.56 13.34 1.74
C GLU A 108 -24.35 14.28 1.91
N ILE A 109 -23.92 14.85 0.78
CA ILE A 109 -22.87 15.83 0.70
C ILE A 109 -23.46 17.21 0.98
N SER A 110 -22.76 17.98 1.84
CA SER A 110 -23.01 19.36 2.17
C SER A 110 -23.37 20.13 0.92
N ALA A 111 -24.50 20.85 0.96
CA ALA A 111 -24.94 21.67 -0.16
C ALA A 111 -24.01 22.89 -0.39
N ALA A 112 -23.47 23.47 0.69
CA ALA A 112 -22.42 24.52 0.59
C ALA A 112 -21.15 23.98 -0.10
N TRP A 113 -20.69 22.79 0.21
CA TRP A 113 -19.47 22.29 -0.52
C TRP A 113 -19.76 22.11 -2.03
N LEU A 114 -20.91 21.50 -2.36
CA LEU A 114 -21.32 21.27 -3.76
C LEU A 114 -21.43 22.61 -4.48
N ASN A 115 -21.95 23.66 -3.81
CA ASN A 115 -22.00 24.97 -4.44
C ASN A 115 -20.58 25.54 -4.64
N ARG A 116 -19.66 25.28 -3.72
CA ARG A 116 -18.31 25.89 -3.83
C ARG A 116 -17.54 25.24 -5.01
N VAL A 117 -17.66 23.91 -5.16
CA VAL A 117 -16.98 23.22 -6.21
C VAL A 117 -17.51 23.68 -7.57
N LYS A 118 -18.83 23.81 -7.71
CA LYS A 118 -19.51 24.41 -8.91
C LYS A 118 -18.95 25.80 -9.24
N GLN A 119 -18.78 26.65 -8.19
CA GLN A 119 -18.28 28.03 -8.38
C GLN A 119 -16.87 28.00 -9.02
N VAL A 120 -16.03 27.08 -8.52
CA VAL A 120 -14.64 26.96 -9.03
C VAL A 120 -14.61 26.46 -10.48
N VAL A 121 -15.41 25.43 -10.78
CA VAL A 121 -15.60 24.93 -12.16
C VAL A 121 -16.03 26.09 -13.08
N GLN A 122 -17.05 26.85 -12.65
CA GLN A 122 -17.58 28.06 -13.38
C GLN A 122 -16.41 29.01 -13.67
N MET A 123 -15.57 29.29 -12.66
CA MET A 123 -14.43 30.24 -12.88
C MET A 123 -13.39 29.69 -13.88
N ALA A 124 -13.03 28.40 -13.81
CA ALA A 124 -12.08 27.81 -14.76
C ALA A 124 -12.62 27.86 -16.18
N ILE A 125 -13.93 27.58 -16.33
CA ILE A 125 -14.52 27.62 -17.63
C ILE A 125 -14.58 29.08 -18.12
N ASP A 126 -14.75 30.04 -17.19
CA ASP A 126 -14.78 31.44 -17.64
C ASP A 126 -13.37 31.82 -18.14
N ASN A 127 -12.32 31.13 -17.69
CA ASN A 127 -10.95 31.49 -18.16
C ASN A 127 -10.49 30.65 -19.37
N GLU A 128 -11.41 29.91 -20.01
CA GLU A 128 -11.15 29.11 -21.23
C GLU A 128 -10.20 27.92 -20.95
N LEU A 129 -10.33 27.33 -19.77
CA LEU A 129 -9.65 26.06 -19.42
C LEU A 129 -10.62 24.88 -19.51
N TYR A 130 -10.12 23.77 -20.03
CA TYR A 130 -10.78 22.45 -19.79
C TYR A 130 -10.56 22.07 -18.32
N VAL A 131 -11.51 21.31 -17.73
CA VAL A 131 -11.56 21.04 -16.32
C VAL A 131 -11.85 19.54 -16.10
N LEU A 132 -11.02 18.92 -15.27
CA LEU A 132 -11.25 17.52 -14.90
C LEU A 132 -11.42 17.47 -13.40
N ILE A 133 -12.62 17.13 -12.95
CA ILE A 133 -12.99 16.92 -11.51
C ILE A 133 -13.04 15.42 -11.19
N ASN A 134 -12.47 15.01 -10.04
CA ASN A 134 -12.47 13.64 -9.60
C ASN A 134 -13.03 13.52 -8.17
N ILE A 135 -13.07 12.27 -7.70
CA ILE A 135 -12.96 11.93 -6.26
C ILE A 135 -11.54 11.45 -6.05
N HIS A 136 -10.77 12.13 -5.17
CA HIS A 136 -9.35 11.86 -4.94
C HIS A 136 -9.17 10.75 -3.90
N TRP A 137 -7.95 10.61 -3.34
CA TRP A 137 -7.71 9.69 -2.16
C TRP A 137 -8.83 9.80 -1.11
N ASP A 138 -9.23 11.04 -0.78
CA ASP A 138 -10.49 11.33 -0.07
C ASP A 138 -10.52 10.59 1.27
N GLY A 139 -9.35 10.32 1.85
CA GLY A 139 -9.27 9.75 3.18
C GLY A 139 -9.13 8.24 3.10
N GLY A 140 -9.18 7.70 1.87
CA GLY A 140 -8.85 6.33 1.58
C GLY A 140 -10.07 5.40 1.41
N TRP A 141 -11.29 5.89 1.66
CA TRP A 141 -12.51 5.03 1.71
C TRP A 141 -12.66 4.07 0.50
N LEU A 142 -12.40 4.55 -0.72
CA LEU A 142 -12.39 3.67 -1.91
C LEU A 142 -10.96 3.26 -2.22
N GLU A 143 -10.04 4.23 -2.28
CA GLU A 143 -8.68 4.08 -2.82
C GLU A 143 -7.87 2.96 -2.13
N ASN A 144 -7.99 2.78 -0.83
CA ASN A 144 -7.19 1.76 -0.11
C ASN A 144 -8.04 0.47 0.08
N ASN A 145 -9.21 0.37 -0.57
CA ASN A 145 -10.18 -0.64 -0.24
C ASN A 145 -10.70 -1.27 -1.55
N ILE A 146 -9.79 -1.77 -2.41
CA ILE A 146 -10.16 -2.48 -3.69
C ILE A 146 -10.25 -3.98 -3.40
N THR A 147 -11.29 -4.38 -2.68
CA THR A 147 -11.35 -5.71 -2.10
C THR A 147 -12.77 -6.26 -2.14
N PRO A 148 -12.93 -7.61 -2.09
CA PRO A 148 -14.27 -8.20 -2.07
C PRO A 148 -15.09 -7.84 -0.81
N ALA A 149 -14.42 -7.69 0.33
CA ALA A 149 -15.04 -7.39 1.58
C ALA A 149 -15.73 -6.02 1.52
N LYS A 150 -15.11 -5.08 0.79
CA LYS A 150 -15.56 -3.67 0.78
C LYS A 150 -16.33 -3.34 -0.50
N LYS A 151 -16.35 -4.29 -1.47
CA LYS A 151 -16.92 -4.06 -2.82
C LYS A 151 -18.34 -3.52 -2.74
N ASP A 152 -19.24 -4.17 -2.00
CA ASP A 152 -20.64 -3.75 -1.99
C ASP A 152 -20.84 -2.37 -1.29
N GLU A 153 -20.29 -2.17 -0.08
CA GLU A 153 -20.50 -0.82 0.61
C GLU A 153 -19.89 0.30 -0.23
N ASN A 154 -18.78 0.02 -0.92
CA ASN A 154 -18.03 1.12 -1.65
C ASN A 154 -18.76 1.45 -2.95
N ASN A 155 -19.34 0.40 -3.56
CA ASN A 155 -20.23 0.56 -4.74
C ASN A 155 -21.42 1.42 -4.35
N ALA A 156 -22.00 1.20 -3.13
CA ALA A 156 -23.14 2.07 -2.70
C ALA A 156 -22.67 3.54 -2.56
N LYS A 157 -21.49 3.80 -1.96
CA LYS A 157 -20.98 5.22 -1.71
C LYS A 157 -20.63 5.90 -3.04
N GLN A 158 -19.77 5.23 -3.83
CA GLN A 158 -19.44 5.66 -5.23
C GLN A 158 -20.71 6.15 -5.97
N LYS A 159 -21.80 5.33 -5.96
CA LYS A 159 -23.09 5.64 -6.64
C LYS A 159 -23.77 6.90 -6.02
N ALA A 160 -23.94 6.89 -4.69
CA ALA A 160 -24.51 8.07 -3.92
C ALA A 160 -23.79 9.39 -4.28
N PHE A 161 -22.45 9.37 -4.21
CA PHE A 161 -21.59 10.60 -4.38
C PHE A 161 -21.67 11.04 -5.86
N TRP A 162 -21.49 10.11 -6.80
CA TRP A 162 -21.46 10.47 -8.24
C TRP A 162 -22.84 10.96 -8.68
N GLU A 163 -23.95 10.40 -8.12
CA GLU A 163 -25.36 10.91 -8.42
C GLU A 163 -25.42 12.42 -8.06
N GLN A 164 -24.86 12.73 -6.89
CA GLN A 164 -24.94 14.10 -6.36
C GLN A 164 -23.99 15.03 -7.12
N ILE A 165 -22.71 14.61 -7.33
CA ILE A 165 -21.74 15.47 -8.04
C ILE A 165 -22.25 15.78 -9.47
N ALA A 166 -22.60 14.74 -10.23
CA ALA A 166 -23.03 14.93 -11.64
C ALA A 166 -24.35 15.73 -11.75
N THR A 167 -25.32 15.44 -10.86
CA THR A 167 -26.59 16.24 -10.83
C THR A 167 -26.24 17.73 -10.69
N HIS A 168 -25.37 18.06 -9.72
CA HIS A 168 -25.02 19.46 -9.34
C HIS A 168 -24.23 20.14 -10.47
N LEU A 169 -23.32 19.41 -11.15
CA LEU A 169 -22.50 20.01 -12.25
C LEU A 169 -23.08 19.75 -13.67
N ARG A 170 -24.35 19.32 -13.75
CA ARG A 170 -24.94 18.69 -14.96
C ARG A 170 -24.90 19.63 -16.17
N ASP A 171 -25.03 20.94 -15.94
CA ASP A 171 -25.32 21.92 -17.01
C ASP A 171 -24.08 22.44 -17.72
N PHE A 172 -22.85 22.06 -17.29
CA PHE A 172 -21.59 22.62 -17.96
C PHE A 172 -21.40 21.94 -19.33
N ASP A 173 -20.77 22.62 -20.29
CA ASP A 173 -20.55 22.11 -21.64
C ASP A 173 -19.33 21.17 -21.58
N GLU A 174 -18.76 20.80 -22.75
CA GLU A 174 -17.68 19.75 -22.84
C GLU A 174 -16.32 20.24 -22.32
N HIS A 175 -16.20 21.48 -21.80
CA HIS A 175 -14.99 21.90 -21.12
C HIS A 175 -14.83 21.12 -19.81
N LEU A 176 -15.92 20.53 -19.31
CA LEU A 176 -15.86 19.80 -18.01
C LEU A 176 -15.86 18.29 -18.30
N LEU A 177 -14.88 17.59 -17.72
CA LEU A 177 -14.73 16.16 -17.73
C LEU A 177 -14.80 15.65 -16.27
N PHE A 178 -15.18 14.38 -16.09
CA PHE A 178 -15.25 13.71 -14.75
C PHE A 178 -14.29 12.50 -14.72
N ALA A 179 -13.59 12.33 -13.59
CA ALA A 179 -12.70 11.19 -13.39
C ALA A 179 -13.16 10.46 -12.13
N GLY A 180 -13.37 9.13 -12.25
CA GLY A 180 -14.10 8.33 -11.28
C GLY A 180 -13.44 8.14 -9.93
N THR A 181 -12.13 7.93 -9.98
CA THR A 181 -11.23 7.57 -8.90
C THR A 181 -9.90 8.37 -9.09
N ASN A 182 -8.92 8.18 -8.22
CA ASN A 182 -7.54 8.76 -8.36
C ASN A 182 -6.51 7.63 -8.62
N ALA A 183 -6.04 6.97 -7.55
CA ALA A 183 -4.99 5.96 -7.69
C ALA A 183 -5.40 4.65 -6.98
N PRO A 184 -6.45 3.98 -7.44
CA PRO A 184 -6.98 2.80 -6.70
C PRO A 184 -5.95 1.67 -6.49
N ASN A 185 -5.85 1.19 -5.25
CA ASN A 185 -4.79 0.25 -4.87
C ASN A 185 -5.25 -1.17 -5.26
N ALA A 186 -5.01 -1.54 -6.52
CA ALA A 186 -5.29 -2.90 -7.13
C ALA A 186 -3.97 -3.45 -7.67
N GLU A 187 -3.58 -4.64 -7.17
CA GLU A 187 -2.20 -5.17 -7.38
C GLU A 187 -2.25 -6.54 -8.07
N ASN A 188 -3.43 -7.16 -8.16
CA ASN A 188 -3.65 -8.48 -8.79
C ASN A 188 -4.97 -8.50 -9.57
N ALA A 189 -5.30 -9.67 -10.17
CA ALA A 189 -6.49 -9.80 -11.03
C ALA A 189 -7.77 -9.73 -10.19
N GLU A 190 -7.74 -10.25 -8.97
CA GLU A 190 -9.00 -10.26 -8.20
C GLU A 190 -9.39 -8.79 -7.85
N GLN A 191 -8.36 -7.97 -7.62
CA GLN A 191 -8.52 -6.52 -7.26
C GLN A 191 -8.96 -5.74 -8.52
N MET A 192 -8.47 -6.13 -9.71
CA MET A 192 -8.92 -5.49 -10.97
C MET A 192 -10.44 -5.68 -11.21
N ASP A 193 -10.97 -6.86 -10.87
CA ASP A 193 -12.38 -7.11 -11.10
C ASP A 193 -13.19 -6.18 -10.20
N VAL A 194 -12.79 -6.09 -8.93
CA VAL A 194 -13.35 -5.18 -7.95
C VAL A 194 -13.29 -3.74 -8.50
N LEU A 195 -12.14 -3.32 -9.00
CA LEU A 195 -12.01 -1.92 -9.58
C LEU A 195 -12.96 -1.77 -10.80
N ASN A 196 -13.08 -2.80 -11.64
CA ASN A 196 -13.87 -2.66 -12.87
C ASN A 196 -15.29 -2.33 -12.48
N SER A 197 -15.73 -2.98 -11.39
CA SER A 197 -17.04 -2.79 -10.79
C SER A 197 -17.20 -1.32 -10.33
N TYR A 198 -16.20 -0.79 -9.60
CA TYR A 198 -16.16 0.62 -9.14
C TYR A 198 -16.32 1.58 -10.34
N LEU A 199 -15.57 1.33 -11.41
CA LEU A 199 -15.56 2.16 -12.63
C LEU A 199 -16.92 2.07 -13.35
N GLN A 200 -17.54 0.88 -13.37
CA GLN A 200 -18.88 0.73 -14.00
C GLN A 200 -19.93 1.50 -13.18
N THR A 201 -19.86 1.43 -11.84
CA THR A 201 -20.80 2.16 -10.98
C THR A 201 -20.68 3.66 -11.29
N PHE A 202 -19.45 4.13 -11.54
CA PHE A 202 -19.22 5.55 -11.88
C PHE A 202 -19.98 5.90 -13.16
N VAL A 203 -19.67 5.20 -14.25
CA VAL A 203 -20.24 5.56 -15.58
C VAL A 203 -21.76 5.62 -15.49
N ASP A 204 -22.33 4.55 -14.93
CA ASP A 204 -23.78 4.35 -14.84
C ASP A 204 -24.41 5.46 -13.99
N ALA A 205 -23.77 5.81 -12.85
CA ALA A 205 -24.30 6.87 -11.98
C ALA A 205 -24.37 8.17 -12.81
N VAL A 206 -23.29 8.53 -13.51
CA VAL A 206 -23.24 9.81 -14.26
C VAL A 206 -24.36 9.84 -15.32
N ARG A 207 -24.41 8.80 -16.17
CA ARG A 207 -25.35 8.72 -17.34
C ARG A 207 -26.80 8.77 -16.85
N SER A 208 -27.06 8.14 -15.70
CA SER A 208 -28.40 8.06 -15.11
C SER A 208 -29.04 9.42 -14.86
N THR A 209 -28.22 10.46 -14.64
CA THR A 209 -28.70 11.82 -14.26
C THR A 209 -29.12 12.64 -15.50
N GLY A 210 -28.70 12.13 -16.66
CA GLY A 210 -29.27 12.46 -17.99
C GLY A 210 -29.17 13.92 -18.43
N GLY A 211 -28.06 14.61 -18.23
CA GLY A 211 -28.14 15.99 -18.89
C GLY A 211 -27.38 16.04 -20.18
N LYS A 212 -26.49 17.01 -20.24
CA LYS A 212 -25.24 16.93 -20.96
C LYS A 212 -24.42 15.74 -20.43
N ASN A 213 -24.74 15.24 -19.23
CA ASN A 213 -24.05 14.10 -18.63
C ASN A 213 -24.37 12.81 -19.43
N ALA A 214 -25.37 12.85 -20.32
CA ALA A 214 -25.68 11.72 -21.30
C ALA A 214 -24.51 11.49 -22.27
N TYR A 215 -23.74 12.55 -22.58
CA TYR A 215 -22.64 12.55 -23.59
C TYR A 215 -21.26 12.95 -23.05
N ARG A 216 -21.14 13.51 -21.83
CA ARG A 216 -19.84 14.02 -21.27
C ARG A 216 -18.74 12.93 -21.26
N VAL A 217 -17.53 13.35 -21.65
CA VAL A 217 -16.38 12.44 -21.65
C VAL A 217 -16.02 12.09 -20.21
N LEU A 218 -15.91 10.78 -19.94
CA LEU A 218 -15.52 10.31 -18.63
C LEU A 218 -14.12 9.69 -18.76
N VAL A 219 -13.39 9.68 -17.63
CA VAL A 219 -11.96 9.29 -17.56
C VAL A 219 -11.85 8.18 -16.53
N LEU A 220 -11.16 7.08 -16.89
CA LEU A 220 -11.10 5.93 -16.06
C LEU A 220 -9.64 5.58 -15.75
N GLN A 221 -9.44 5.15 -14.51
CA GLN A 221 -8.11 5.02 -13.90
C GLN A 221 -7.65 3.55 -13.94
N GLY A 222 -6.40 3.37 -14.39
CA GLY A 222 -5.71 2.09 -14.34
C GLY A 222 -5.22 1.79 -12.93
N PRO A 223 -4.90 0.52 -12.61
CA PRO A 223 -4.54 0.09 -11.25
C PRO A 223 -3.35 0.85 -10.68
N VAL A 224 -3.58 1.53 -9.53
CA VAL A 224 -2.60 2.46 -8.89
C VAL A 224 -2.15 3.55 -9.87
N THR A 225 -2.94 3.78 -10.91
CA THR A 225 -2.52 4.58 -12.07
C THR A 225 -1.05 4.28 -12.36
N ASP A 226 -0.68 2.99 -12.32
CA ASP A 226 0.72 2.61 -12.62
C ASP A 226 0.79 1.99 -14.03
N ILE A 227 1.80 2.36 -14.81
CA ILE A 227 1.77 1.96 -16.28
C ILE A 227 1.87 0.42 -16.43
N GLU A 228 2.84 -0.18 -15.75
CA GLU A 228 3.12 -1.64 -15.75
C GLU A 228 1.92 -2.46 -15.25
N LYS A 229 1.42 -2.16 -14.04
CA LYS A 229 0.20 -2.86 -13.54
C LYS A 229 -0.95 -2.71 -14.54
N THR A 230 -1.10 -1.55 -15.18
CA THR A 230 -2.20 -1.32 -16.13
C THR A 230 -1.96 -2.21 -17.38
N ASN A 231 -0.74 -2.14 -17.94
CA ASN A 231 -0.36 -3.08 -19.03
C ASN A 231 -0.69 -4.55 -18.69
N GLU A 232 -0.22 -5.08 -17.54
CA GLU A 232 -0.49 -6.46 -17.07
C GLU A 232 -2.00 -6.66 -16.86
N LEU A 233 -2.69 -5.79 -16.11
CA LEU A 233 -3.99 -6.21 -15.57
C LEU A 233 -5.18 -5.65 -16.35
N TRP A 234 -5.04 -4.50 -17.03
CA TRP A 234 -6.20 -3.90 -17.71
C TRP A 234 -6.73 -4.87 -18.77
N THR A 235 -8.07 -5.04 -18.83
CA THR A 235 -8.79 -5.94 -19.77
C THR A 235 -9.77 -5.18 -20.70
N HIS A 236 -10.80 -4.56 -20.11
CA HIS A 236 -11.88 -3.89 -20.82
C HIS A 236 -12.17 -2.52 -20.16
N MET A 237 -12.71 -1.61 -20.97
CA MET A 237 -13.23 -0.32 -20.56
C MET A 237 -14.68 -0.57 -20.16
N PRO A 238 -15.32 0.20 -19.24
CA PRO A 238 -16.70 -0.12 -18.85
C PRO A 238 -17.68 0.05 -20.01
N ALA A 239 -18.88 -0.51 -19.84
CA ALA A 239 -19.91 -0.34 -20.87
C ALA A 239 -20.55 1.05 -20.74
N ASP A 240 -20.83 1.67 -21.91
CA ASP A 240 -21.38 3.02 -22.02
C ASP A 240 -22.53 3.06 -23.03
N THR A 241 -23.69 3.58 -22.61
CA THR A 241 -24.76 3.95 -23.51
C THR A 241 -24.26 4.96 -24.58
N ALA A 242 -23.25 5.76 -24.25
CA ALA A 242 -22.71 6.76 -25.18
C ALA A 242 -21.67 6.08 -26.05
N THR A 243 -21.42 6.72 -27.20
CA THR A 243 -20.49 6.21 -28.22
C THR A 243 -19.25 7.07 -28.27
N ASP A 244 -18.07 6.50 -27.96
CA ASP A 244 -16.73 7.13 -28.12
C ASP A 244 -16.49 8.30 -27.11
N ARG A 245 -16.86 8.12 -25.84
CA ARG A 245 -16.71 9.21 -24.86
C ARG A 245 -15.99 8.72 -23.60
N LEU A 246 -14.88 7.98 -23.76
CA LEU A 246 -14.07 7.50 -22.61
C LEU A 246 -12.60 7.74 -22.93
N MET A 247 -11.82 8.15 -21.91
N MET A 247 -11.83 8.20 -21.92
CA MET A 247 -10.37 8.13 -21.91
CA MET A 247 -10.36 8.18 -21.88
C MET A 247 -9.87 7.32 -20.70
C MET A 247 -9.88 7.31 -20.71
N ALA A 248 -8.59 6.95 -20.75
CA ALA A 248 -7.91 6.21 -19.72
C ALA A 248 -6.92 7.14 -18.99
N GLU A 249 -6.57 6.83 -17.74
CA GLU A 249 -5.68 7.68 -16.92
C GLU A 249 -4.55 6.84 -16.27
N VAL A 250 -3.30 7.30 -16.42
CA VAL A 250 -2.13 6.91 -15.60
C VAL A 250 -1.39 8.15 -15.12
N HIS A 251 -0.49 7.94 -14.15
CA HIS A 251 0.36 8.89 -13.55
C HIS A 251 1.81 8.46 -13.76
N PHE A 252 2.76 9.31 -13.35
CA PHE A 252 4.19 9.03 -13.63
C PHE A 252 5.09 9.76 -12.63
N TYR A 253 5.74 9.01 -11.69
CA TYR A 253 6.84 9.51 -10.74
C TYR A 253 8.14 8.70 -10.92
N THR A 254 8.42 8.21 -12.14
CA THR A 254 9.55 7.31 -12.48
C THR A 254 10.77 8.10 -12.95
N PRO A 255 11.94 7.92 -12.34
CA PRO A 255 12.21 6.98 -11.27
C PRO A 255 12.04 7.62 -9.89
N TYR A 256 11.52 6.84 -8.94
CA TYR A 256 11.09 7.35 -7.62
C TYR A 256 12.26 7.97 -6.92
N ASN A 257 13.43 7.34 -7.10
CA ASN A 257 14.63 7.74 -6.41
C ASN A 257 14.95 9.21 -6.75
N PHE A 258 14.71 9.61 -8.02
CA PHE A 258 14.93 10.99 -8.43
C PHE A 258 13.75 11.91 -8.00
N ALA A 259 12.53 11.52 -8.32
CA ALA A 259 11.32 12.43 -8.32
C ALA A 259 10.71 12.66 -6.93
N LEU A 260 10.73 11.64 -6.02
CA LEU A 260 10.03 11.78 -4.69
C LEU A 260 10.88 11.32 -3.49
N MET A 261 11.93 10.51 -3.68
CA MET A 261 12.77 9.97 -2.57
C MET A 261 13.50 11.05 -1.77
N ARG A 262 13.29 11.05 -0.43
CA ARG A 262 13.86 12.07 0.46
C ARG A 262 14.90 11.48 1.44
N GLN A 263 15.17 10.16 1.45
CA GLN A 263 16.18 9.59 2.34
C GLN A 263 16.63 8.24 1.78
N ASP A 264 17.90 7.90 2.03
CA ASP A 264 18.47 6.63 1.54
C ASP A 264 17.90 5.45 2.36
N GLU A 265 17.87 4.27 1.76
CA GLU A 265 17.45 3.04 2.37
C GLU A 265 18.43 1.94 1.97
N SER A 266 18.31 0.79 2.65
CA SER A 266 19.07 -0.43 2.34
C SER A 266 18.94 -0.73 0.83
N TRP A 267 17.77 -0.47 0.22
CA TRP A 267 17.45 -0.91 -1.18
C TRP A 267 17.82 0.12 -2.25
N GLY A 268 18.29 1.30 -1.88
CA GLY A 268 18.74 2.29 -2.88
C GLY A 268 18.94 3.67 -2.28
N LYS A 269 19.56 4.52 -3.10
CA LYS A 269 20.05 5.86 -2.78
C LYS A 269 19.20 6.87 -3.54
N GLN A 270 18.95 8.02 -2.93
CA GLN A 270 18.31 9.19 -3.59
C GLN A 270 19.10 9.50 -4.87
N PHE A 271 18.47 9.83 -6.01
CA PHE A 271 19.21 10.47 -7.14
C PHE A 271 19.02 11.99 -7.12
N TYR A 272 20.15 12.74 -7.19
CA TYR A 272 20.16 14.25 -7.16
C TYR A 272 20.13 14.79 -8.60
N TYR A 273 20.47 13.96 -9.59
CA TYR A 273 20.78 14.40 -10.97
C TYR A 273 20.12 13.47 -11.98
N TRP A 274 19.87 13.99 -13.22
CA TRP A 274 19.10 13.27 -14.25
C TRP A 274 19.34 13.86 -15.63
N GLY A 275 19.38 12.98 -16.63
CA GLY A 275 19.41 13.32 -18.04
C GLY A 275 20.83 13.27 -18.63
N GLU A 276 20.94 12.81 -19.89
N GLU A 276 20.96 12.81 -19.89
CA GLU A 276 22.20 12.96 -20.66
CA GLU A 276 22.26 12.84 -20.59
C GLU A 276 22.60 14.43 -20.57
C GLU A 276 22.68 14.31 -20.74
N GLY A 277 23.85 14.65 -20.18
CA GLY A 277 24.44 15.96 -20.24
C GLY A 277 24.57 16.61 -18.88
N PHE A 278 23.89 16.06 -17.88
CA PHE A 278 23.73 16.71 -16.59
C PHE A 278 24.09 15.75 -15.45
N LEU A 279 25.01 14.80 -15.72
CA LEU A 279 25.41 13.81 -14.73
C LEU A 279 26.70 14.30 -14.06
N SER A 280 26.94 13.85 -12.81
CA SER A 280 28.01 14.35 -11.95
C SER A 280 29.25 13.49 -12.21
N THR A 281 30.43 14.08 -12.12
CA THR A 281 31.73 13.35 -12.21
C THR A 281 32.41 13.24 -10.83
N THR A 282 31.95 14.02 -9.84
CA THR A 282 32.59 14.19 -8.54
C THR A 282 31.82 13.41 -7.45
N ASP A 283 30.59 12.96 -7.74
CA ASP A 283 29.56 12.60 -6.75
C ASP A 283 28.64 11.55 -7.39
N THR A 284 29.24 10.44 -7.84
CA THR A 284 28.59 9.64 -8.88
C THR A 284 27.53 8.69 -8.32
N GLU A 285 27.48 8.51 -6.99
CA GLU A 285 26.44 7.69 -6.36
C GLU A 285 25.07 8.41 -6.48
N ARG A 286 25.06 9.73 -6.73
CA ARG A 286 23.84 10.51 -6.82
C ARG A 286 23.37 10.71 -8.24
N ASN A 287 23.96 9.95 -9.18
CA ASN A 287 23.47 9.77 -10.56
C ASN A 287 22.56 8.56 -10.59
N PRO A 288 21.67 8.45 -11.61
CA PRO A 288 20.77 7.33 -11.75
C PRO A 288 21.35 5.97 -12.10
N THR A 289 20.82 4.91 -11.46
CA THR A 289 21.21 3.55 -11.73
C THR A 289 20.16 2.98 -12.67
N TRP A 290 19.05 3.71 -12.84
CA TRP A 290 17.95 3.28 -13.69
C TRP A 290 17.02 4.45 -13.97
N GLY A 291 16.00 4.21 -14.79
CA GLY A 291 14.91 5.20 -15.06
C GLY A 291 15.34 6.38 -15.92
N GLU A 292 16.15 6.13 -16.96
CA GLU A 292 16.71 7.24 -17.78
C GLU A 292 15.84 7.37 -19.03
N GLU A 293 16.27 8.17 -20.02
CA GLU A 293 15.48 8.58 -21.16
C GLU A 293 14.79 7.41 -21.87
N ALA A 294 15.53 6.30 -22.07
CA ALA A 294 15.05 5.13 -22.85
C ALA A 294 13.93 4.34 -22.13
N THR A 295 14.05 4.26 -20.80
CA THR A 295 12.99 3.61 -20.00
C THR A 295 11.66 4.37 -20.17
N ILE A 296 11.73 5.71 -20.18
CA ILE A 296 10.56 6.57 -20.29
C ILE A 296 9.90 6.28 -21.63
N ASP A 297 10.71 6.27 -22.69
CA ASP A 297 10.21 6.01 -24.03
C ASP A 297 9.46 4.69 -24.04
N GLN A 298 10.09 3.64 -23.46
N GLN A 298 10.06 3.63 -23.47
CA GLN A 298 9.51 2.28 -23.40
CA GLN A 298 9.41 2.30 -23.53
C GLN A 298 8.15 2.32 -22.68
C GLN A 298 8.12 2.31 -22.70
N LEU A 299 8.12 2.97 -21.52
CA LEU A 299 6.89 2.99 -20.70
C LEU A 299 5.72 3.66 -21.47
N PHE A 300 5.95 4.83 -22.09
CA PHE A 300 4.87 5.55 -22.83
C PHE A 300 4.38 4.68 -23.98
N ASP A 301 5.33 4.02 -24.67
CA ASP A 301 4.97 3.13 -25.85
C ASP A 301 3.92 2.09 -25.44
N LEU A 302 4.05 1.51 -24.23
CA LEU A 302 3.05 0.52 -23.75
C LEU A 302 1.64 1.13 -23.70
N MET A 303 1.54 2.43 -23.35
CA MET A 303 0.22 3.09 -23.30
C MET A 303 -0.22 3.53 -24.71
N LYS A 304 0.69 3.91 -25.59
CA LYS A 304 0.29 4.11 -27.01
C LYS A 304 -0.38 2.84 -27.58
N THR A 305 0.15 1.64 -27.30
CA THR A 305 -0.37 0.38 -27.95
C THR A 305 -1.71 -0.09 -27.37
N LYS A 306 -1.81 -0.08 -26.05
CA LYS A 306 -2.98 -0.58 -25.37
C LYS A 306 -4.24 0.27 -25.66
N PHE A 307 -4.05 1.57 -25.82
CA PHE A 307 -5.15 2.58 -25.74
C PHE A 307 -5.08 3.54 -26.95
N VAL A 308 -3.99 4.30 -27.11
CA VAL A 308 -4.05 5.39 -28.11
C VAL A 308 -4.28 4.79 -29.51
N ASP A 309 -3.33 3.95 -29.99
CA ASP A 309 -3.47 3.21 -31.29
C ASP A 309 -4.87 2.61 -31.43
N GLN A 310 -5.55 2.31 -30.32
CA GLN A 310 -6.89 1.71 -30.40
C GLN A 310 -8.04 2.73 -30.24
N GLY A 311 -7.83 4.00 -30.58
CA GLY A 311 -8.84 5.07 -30.47
C GLY A 311 -9.21 5.46 -29.04
N ILE A 312 -8.29 5.36 -28.06
CA ILE A 312 -8.59 5.81 -26.66
C ILE A 312 -7.46 6.72 -26.20
N PRO A 313 -7.71 8.03 -25.95
CA PRO A 313 -6.69 8.92 -25.43
C PRO A 313 -6.38 8.53 -23.98
N VAL A 314 -5.18 8.91 -23.57
CA VAL A 314 -4.59 8.63 -22.27
C VAL A 314 -4.29 9.98 -21.61
N VAL A 315 -4.94 10.25 -20.44
CA VAL A 315 -4.54 11.40 -19.59
C VAL A 315 -3.36 10.98 -18.71
N LEU A 316 -2.25 11.71 -18.76
CA LEU A 316 -1.20 11.54 -17.75
C LEU A 316 -1.50 12.52 -16.59
N GLY A 317 -2.29 12.05 -15.62
CA GLY A 317 -2.99 12.95 -14.61
C GLY A 317 -2.07 13.63 -13.62
N GLU A 318 -0.88 13.06 -13.40
CA GLU A 318 0.09 13.57 -12.44
C GLU A 318 1.51 13.16 -12.87
N PHE A 319 2.42 14.13 -12.94
CA PHE A 319 3.90 13.92 -12.91
C PHE A 319 4.60 15.13 -12.29
N SER A 320 5.64 14.90 -11.48
CA SER A 320 6.59 15.95 -11.16
C SER A 320 7.73 15.39 -10.29
N ALA A 321 8.94 15.89 -10.54
CA ALA A 321 10.12 15.68 -9.69
C ALA A 321 10.27 16.90 -8.75
N MET A 322 10.52 16.66 -7.46
CA MET A 322 10.56 17.69 -6.38
C MET A 322 11.89 18.49 -6.43
N ARG A 323 11.84 19.75 -5.98
CA ARG A 323 13.03 20.62 -5.81
C ARG A 323 13.85 20.16 -4.59
N ARG A 324 15.18 19.96 -4.80
CA ARG A 324 16.18 19.71 -3.72
C ARG A 324 16.97 21.01 -3.40
N THR A 325 16.33 21.93 -2.66
CA THR A 325 16.96 23.21 -2.34
C THR A 325 17.77 23.10 -1.04
N ASN A 326 17.95 21.88 -0.52
CA ASN A 326 18.94 21.58 0.53
C ASN A 326 20.37 21.39 -0.06
N LEU A 327 20.49 21.18 -1.37
CA LEU A 327 21.80 21.16 -2.04
C LEU A 327 22.34 22.59 -2.18
N THR A 328 23.68 22.68 -2.29
CA THR A 328 24.44 23.93 -2.37
C THR A 328 25.49 23.81 -3.49
N GLY A 329 26.21 24.92 -3.79
CA GLY A 329 27.32 24.95 -4.75
C GLY A 329 26.91 24.49 -6.16
N ASP A 330 27.83 23.74 -6.81
CA ASP A 330 27.63 23.15 -8.17
C ASP A 330 26.61 21.98 -8.14
N ALA A 331 26.48 21.36 -6.97
CA ALA A 331 25.49 20.36 -6.73
C ALA A 331 24.10 20.97 -6.96
N LEU A 332 23.80 22.12 -6.32
CA LEU A 332 22.50 22.81 -6.46
C LEU A 332 22.22 23.10 -7.94
N THR A 333 23.22 23.68 -8.63
CA THR A 333 23.06 24.14 -10.02
C THR A 333 22.87 22.97 -11.00
N LEU A 334 23.63 21.88 -10.81
CA LEU A 334 23.46 20.70 -11.72
C LEU A 334 22.08 20.03 -11.48
N HIS A 335 21.70 19.80 -10.22
CA HIS A 335 20.35 19.24 -9.90
C HIS A 335 19.24 20.03 -10.63
N LEU A 336 19.27 21.37 -10.50
CA LEU A 336 18.23 22.23 -11.10
C LEU A 336 18.24 22.16 -12.63
N ALA A 337 19.40 21.96 -13.25
CA ALA A 337 19.50 21.81 -14.74
C ALA A 337 18.85 20.52 -15.19
N GLY A 338 19.15 19.40 -14.51
CA GLY A 338 18.52 18.07 -14.82
C GLY A 338 17.04 17.97 -14.45
N ARG A 339 16.68 18.51 -13.28
CA ARG A 339 15.26 18.62 -12.87
C ARG A 339 14.40 19.25 -13.98
N ALA A 340 14.88 20.33 -14.63
CA ALA A 340 14.14 21.01 -15.73
C ALA A 340 14.02 20.11 -16.97
N TYR A 341 15.16 19.58 -17.42
CA TYR A 341 15.14 18.68 -18.58
C TYR A 341 14.15 17.53 -18.34
N TYR A 342 14.18 16.93 -17.15
CA TYR A 342 13.22 15.87 -16.82
C TYR A 342 11.80 16.29 -17.23
N HIS A 343 11.37 17.51 -16.83
CA HIS A 343 10.00 18.01 -17.10
C HIS A 343 9.77 18.25 -18.62
N LYS A 344 10.73 18.83 -19.32
CA LYS A 344 10.60 19.00 -20.80
C LYS A 344 10.47 17.62 -21.48
N TYR A 345 11.36 16.69 -21.12
CA TYR A 345 11.45 15.41 -21.80
C TYR A 345 10.13 14.67 -21.60
N VAL A 346 9.64 14.63 -20.36
CA VAL A 346 8.38 13.91 -20.08
C VAL A 346 7.27 14.50 -20.95
N THR A 347 7.13 15.82 -20.94
CA THR A 347 6.01 16.49 -21.67
C THR A 347 6.06 16.12 -23.17
N GLN A 348 7.22 16.38 -23.78
CA GLN A 348 7.42 16.16 -25.28
C GLN A 348 7.10 14.72 -25.64
N GLN A 349 7.80 13.80 -24.95
CA GLN A 349 7.71 12.41 -25.29
C GLN A 349 6.32 11.88 -24.99
N ALA A 350 5.65 12.40 -23.92
CA ALA A 350 4.25 12.02 -23.67
C ALA A 350 3.34 12.43 -24.84
N LEU A 351 3.47 13.68 -25.30
CA LEU A 351 2.58 14.22 -26.39
C LEU A 351 2.81 13.52 -27.74
N ALA A 352 4.06 13.18 -28.08
CA ALA A 352 4.33 12.41 -29.35
C ALA A 352 3.58 11.07 -29.37
N ARG A 353 3.34 10.47 -28.19
CA ARG A 353 2.70 9.17 -28.09
C ARG A 353 1.20 9.31 -27.81
N GLY A 354 0.66 10.53 -27.70
CA GLY A 354 -0.81 10.70 -27.50
C GLY A 354 -1.27 10.64 -26.04
N LEU A 355 -0.35 10.89 -25.12
CA LEU A 355 -0.60 11.06 -23.69
C LEU A 355 -0.70 12.57 -23.42
N LEU A 356 -1.63 12.97 -22.53
CA LEU A 356 -1.87 14.42 -22.28
C LEU A 356 -1.27 14.74 -20.92
N PRO A 357 -0.18 15.54 -20.90
CA PRO A 357 0.60 15.74 -19.69
C PRO A 357 -0.01 16.78 -18.73
N PHE A 358 -0.33 16.34 -17.51
CA PHE A 358 -0.77 17.25 -16.40
C PHE A 358 0.24 17.26 -15.23
N TYR A 359 0.88 18.41 -14.99
CA TYR A 359 1.92 18.65 -13.96
C TYR A 359 1.34 18.63 -12.53
N TRP A 360 1.96 17.87 -11.62
CA TRP A 360 1.55 17.83 -10.20
C TRP A 360 2.19 19.01 -9.42
N ASP A 361 1.33 19.93 -8.94
CA ASP A 361 1.67 21.14 -8.23
C ASP A 361 0.96 21.20 -6.87
N ASN A 362 1.74 21.03 -5.80
CA ASN A 362 1.25 20.99 -4.42
C ASN A 362 1.29 22.39 -3.75
N GLY A 363 1.76 23.38 -4.48
CA GLY A 363 1.69 24.73 -4.05
C GLY A 363 2.86 25.17 -3.22
N GLY A 364 3.70 24.24 -2.73
CA GLY A 364 4.81 24.65 -1.89
C GLY A 364 5.95 25.29 -2.69
N ASN A 365 6.77 26.10 -2.02
CA ASN A 365 7.92 26.78 -2.63
C ASN A 365 9.21 26.51 -1.81
N ASP A 366 9.15 25.64 -0.81
CA ASP A 366 10.25 25.28 0.11
C ASP A 366 10.96 24.01 -0.38
N ASN A 367 11.88 23.46 0.44
CA ASN A 367 12.60 22.17 0.13
C ASN A 367 11.61 21.01 -0.12
N PHE A 368 11.87 20.14 -1.09
CA PHE A 368 11.03 18.96 -1.43
C PHE A 368 9.56 19.29 -1.87
N SER A 369 9.28 20.48 -2.38
CA SER A 369 7.96 20.87 -2.87
C SER A 369 7.91 20.85 -4.40
N SER A 370 6.72 21.14 -4.96
CA SER A 370 6.44 21.02 -6.39
C SER A 370 5.69 22.24 -6.93
N GLY A 371 5.55 23.31 -6.13
CA GLY A 371 4.79 24.47 -6.58
C GLY A 371 5.60 25.29 -7.55
N ILE A 372 5.04 25.57 -8.75
CA ILE A 372 5.72 26.45 -9.71
C ILE A 372 5.13 27.87 -9.66
N PHE A 373 3.94 28.06 -9.04
CA PHE A 373 3.42 29.39 -8.67
C PHE A 373 3.55 29.63 -7.17
N ASN A 374 3.64 30.92 -6.85
CA ASN A 374 3.46 31.43 -5.53
C ASN A 374 1.98 31.78 -5.40
N ARG A 375 1.22 30.91 -4.73
CA ARG A 375 -0.25 31.03 -4.68
C ARG A 375 -0.65 32.30 -3.90
N GLN A 376 0.20 32.72 -2.96
CA GLN A 376 -0.20 33.80 -2.01
C GLN A 376 -0.07 35.17 -2.70
N GLN A 377 0.75 35.29 -3.75
CA GLN A 377 0.89 36.58 -4.48
C GLN A 377 0.45 36.44 -5.95
N ASN A 378 -0.01 35.26 -6.38
CA ASN A 378 -0.39 35.05 -7.80
C ASN A 378 0.79 35.46 -8.72
N THR A 379 2.02 35.03 -8.39
CA THR A 379 3.20 35.16 -9.26
C THR A 379 3.83 33.79 -9.56
N VAL A 380 4.73 33.80 -10.56
CA VAL A 380 5.54 32.66 -10.95
C VAL A 380 6.69 32.45 -9.96
N PHE A 381 6.89 31.24 -9.42
CA PHE A 381 8.00 31.04 -8.43
C PHE A 381 9.18 30.36 -9.10
N ASP A 382 8.86 29.46 -10.04
CA ASP A 382 9.84 28.61 -10.72
C ASP A 382 9.68 28.78 -12.24
N GLN A 383 10.31 29.83 -12.74
CA GLN A 383 10.32 30.22 -14.17
C GLN A 383 11.05 29.15 -14.98
N GLN A 384 12.09 28.54 -14.38
CA GLN A 384 12.91 27.51 -15.07
C GLN A 384 12.03 26.30 -15.47
N VAL A 385 11.28 25.77 -14.49
CA VAL A 385 10.47 24.58 -14.77
C VAL A 385 9.24 24.98 -15.62
N LEU A 386 8.68 26.17 -15.42
CA LEU A 386 7.55 26.62 -16.27
C LEU A 386 8.01 26.67 -17.74
N ASP A 387 9.16 27.30 -17.95
CA ASP A 387 9.76 27.37 -19.33
C ASP A 387 9.93 25.96 -19.90
N ALA A 388 10.43 25.05 -19.05
CA ALA A 388 10.73 23.70 -19.52
C ALA A 388 9.45 23.07 -20.03
N LEU A 389 8.34 23.14 -19.25
CA LEU A 389 7.04 22.50 -19.65
C LEU A 389 6.58 23.11 -20.98
N LEU A 390 6.76 24.42 -21.13
CA LEU A 390 6.26 25.10 -22.35
C LEU A 390 7.14 24.72 -23.54
N GLU A 391 8.45 24.66 -23.34
CA GLU A 391 9.36 24.29 -24.45
C GLU A 391 8.99 22.86 -24.86
N GLY A 392 8.80 21.97 -23.88
CA GLY A 392 8.38 20.59 -24.15
C GLY A 392 7.03 20.47 -24.83
N ALA A 393 6.15 21.47 -24.60
CA ALA A 393 4.84 21.55 -25.30
C ALA A 393 5.02 22.25 -26.66
N GLY B 24 -21.92 3.65 21.01
CA GLY B 24 -21.25 2.31 20.79
C GLY B 24 -21.69 1.69 19.47
N LEU B 25 -20.71 1.43 18.59
CA LEU B 25 -20.95 0.82 17.25
C LEU B 25 -21.29 -0.67 17.36
N TYR B 26 -20.70 -1.31 18.35
CA TYR B 26 -20.82 -2.72 18.57
C TYR B 26 -21.10 -2.90 20.06
N PRO B 27 -21.81 -3.96 20.50
CA PRO B 27 -21.96 -4.22 21.92
C PRO B 27 -20.67 -4.75 22.57
N SER B 28 -20.64 -4.74 23.91
CA SER B 28 -19.54 -5.30 24.68
C SER B 28 -19.52 -6.81 24.49
N TYR B 29 -18.30 -7.37 24.39
CA TYR B 29 -18.05 -8.81 24.45
C TYR B 29 -17.16 -9.11 25.67
N ASN B 30 -17.03 -8.17 26.62
CA ASN B 30 -16.42 -8.56 27.92
C ASN B 30 -17.59 -8.83 28.87
N THR B 31 -18.07 -10.08 28.82
CA THR B 31 -19.33 -10.59 29.39
C THR B 31 -19.06 -11.42 30.68
N SER B 32 -17.93 -12.16 30.72
CA SER B 32 -17.56 -12.99 31.90
C SER B 32 -16.17 -12.63 32.44
N PRO B 33 -15.93 -11.34 32.74
CA PRO B 33 -14.63 -10.94 33.26
C PRO B 33 -14.25 -11.70 34.53
N ALA B 34 -13.11 -12.43 34.49
CA ALA B 34 -12.58 -13.25 35.61
C ALA B 34 -11.60 -12.42 36.45
N ALA B 35 -11.39 -12.83 37.70
CA ALA B 35 -10.46 -12.18 38.61
C ALA B 35 -9.03 -12.50 38.17
N PRO B 36 -8.09 -11.56 38.28
CA PRO B 36 -6.72 -11.79 37.80
C PRO B 36 -6.20 -13.15 38.29
N ASP B 37 -5.35 -13.80 37.50
CA ASP B 37 -4.84 -15.13 37.86
C ASP B 37 -3.43 -15.33 37.28
N SER B 38 -2.52 -15.84 38.13
CA SER B 38 -1.08 -15.83 37.90
C SER B 38 -0.56 -17.25 37.67
N THR B 39 -1.48 -18.22 37.59
CA THR B 39 -1.19 -19.67 37.59
C THR B 39 -0.80 -20.12 36.17
N GLY B 40 0.39 -20.73 36.07
CA GLY B 40 0.98 -21.17 34.80
C GLY B 40 1.55 -20.01 34.01
N MET B 41 1.59 -18.82 34.63
CA MET B 41 1.94 -17.54 33.99
C MET B 41 3.14 -16.88 34.72
N GLN B 42 4.04 -17.72 35.25
CA GLN B 42 5.11 -17.23 36.13
C GLN B 42 6.23 -16.52 35.32
N SER B 43 6.39 -16.85 34.03
CA SER B 43 7.52 -16.33 33.22
C SER B 43 7.24 -14.90 32.74
N THR B 44 8.27 -14.06 32.87
CA THR B 44 8.31 -12.76 32.24
C THR B 44 8.55 -12.90 30.71
N ALA B 45 8.36 -11.78 29.98
CA ALA B 45 8.62 -11.75 28.54
C ALA B 45 10.02 -12.27 28.26
N VAL B 46 11.03 -11.68 28.91
CA VAL B 46 12.47 -12.00 28.69
C VAL B 46 12.75 -13.48 29.01
N GLN B 47 12.08 -14.04 30.05
CA GLN B 47 12.22 -15.46 30.45
C GLN B 47 11.52 -16.42 29.46
N LEU B 48 10.37 -16.00 28.92
CA LEU B 48 9.67 -16.81 27.97
C LEU B 48 10.47 -16.81 26.66
N ALA B 49 10.99 -15.64 26.26
CA ALA B 49 11.81 -15.48 25.06
C ALA B 49 13.07 -16.37 25.13
N GLY B 50 13.55 -16.68 26.34
CA GLY B 50 14.68 -17.60 26.55
C GLY B 50 14.34 -19.05 26.23
N LYS B 51 13.04 -19.38 26.22
CA LYS B 51 12.59 -20.78 26.03
C LYS B 51 12.40 -21.09 24.52
N ILE B 52 12.63 -20.08 23.65
CA ILE B 52 12.35 -20.17 22.20
C ILE B 52 13.59 -19.85 21.35
N ARG B 53 13.96 -20.85 20.53
CA ARG B 53 15.11 -20.76 19.62
C ARG B 53 14.65 -20.82 18.14
N LEU B 54 13.62 -21.59 17.78
CA LEU B 54 13.32 -21.74 16.39
C LEU B 54 11.83 -22.03 16.24
N GLY B 55 11.11 -21.21 15.45
CA GLY B 55 9.58 -21.40 15.21
C GLY B 55 9.16 -21.53 13.72
N TRP B 56 7.89 -21.93 13.49
CA TRP B 56 7.38 -22.28 12.19
C TRP B 56 6.00 -21.65 12.02
N ASN B 57 5.78 -20.97 10.88
CA ASN B 57 4.44 -20.43 10.54
C ASN B 57 3.57 -21.48 9.83
N ILE B 58 2.33 -21.65 10.28
CA ILE B 58 1.34 -22.43 9.60
C ILE B 58 0.74 -21.56 8.47
N GLY B 59 1.55 -21.24 7.45
CA GLY B 59 1.08 -20.33 6.38
C GLY B 59 -0.07 -20.86 5.52
N ASN B 60 -0.81 -19.92 4.90
CA ASN B 60 -1.93 -20.21 3.97
C ASN B 60 -2.88 -21.29 4.52
N THR B 61 -3.20 -21.20 5.80
CA THR B 61 -4.03 -22.14 6.41
C THR B 61 -5.15 -21.37 7.13
N MET B 62 -5.09 -21.21 8.45
CA MET B 62 -6.20 -20.65 9.15
C MET B 62 -6.47 -19.17 8.78
N GLU B 63 -5.56 -18.46 8.12
CA GLU B 63 -5.82 -17.04 7.64
C GLU B 63 -6.32 -16.98 6.19
N ALA B 64 -6.32 -18.12 5.49
CA ALA B 64 -6.82 -18.21 4.11
C ALA B 64 -8.24 -17.65 3.97
N ILE B 65 -8.38 -16.78 2.97
CA ILE B 65 -9.69 -16.22 2.53
C ILE B 65 -10.44 -17.32 1.74
N GLY B 66 -11.68 -17.62 2.14
CA GLY B 66 -12.46 -18.73 1.63
C GLY B 66 -12.59 -19.86 2.64
N GLY B 67 -11.68 -19.93 3.63
CA GLY B 67 -11.69 -20.95 4.62
C GLY B 67 -10.36 -21.67 4.66
N GLU B 68 -10.19 -22.48 5.72
CA GLU B 68 -8.95 -23.07 6.17
C GLU B 68 -8.32 -23.85 5.03
N THR B 69 -9.14 -24.48 4.17
CA THR B 69 -8.67 -25.33 3.05
C THR B 69 -8.60 -24.53 1.73
N ALA B 70 -9.03 -23.27 1.72
CA ALA B 70 -9.28 -22.53 0.47
C ALA B 70 -8.03 -22.20 -0.31
N TRP B 71 -6.83 -22.18 0.28
CA TRP B 71 -5.66 -21.88 -0.52
C TRP B 71 -4.78 -23.13 -0.67
N GLY B 72 -5.34 -24.32 -0.57
CA GLY B 72 -4.61 -25.53 -1.06
C GLY B 72 -3.93 -26.34 0.03
N ASN B 73 -4.15 -25.99 1.29
CA ASN B 73 -3.53 -26.73 2.38
C ASN B 73 -4.65 -27.47 3.12
N PRO B 74 -4.39 -28.64 3.72
CA PRO B 74 -5.41 -29.29 4.54
C PRO B 74 -5.56 -28.61 5.90
N MET B 75 -6.67 -28.92 6.56
CA MET B 75 -6.87 -28.51 7.92
C MET B 75 -5.66 -28.94 8.76
N VAL B 76 -5.12 -28.00 9.57
CA VAL B 76 -4.04 -28.30 10.55
C VAL B 76 -4.44 -29.57 11.34
N SER B 77 -3.54 -30.55 11.44
CA SER B 77 -3.84 -31.82 12.17
C SER B 77 -2.77 -32.17 13.21
N ASN B 78 -3.15 -32.94 14.24
CA ASN B 78 -2.21 -33.37 15.28
C ASN B 78 -1.03 -34.07 14.63
N GLU B 79 -1.28 -34.70 13.48
CA GLU B 79 -0.26 -35.30 12.64
C GLU B 79 0.83 -34.26 12.35
N LEU B 80 0.46 -33.10 11.79
CA LEU B 80 1.40 -32.06 11.32
C LEU B 80 2.13 -31.43 12.51
N LEU B 81 1.37 -31.13 13.56
CA LEU B 81 1.90 -30.50 14.75
C LEU B 81 3.00 -31.40 15.37
N LYS B 82 2.72 -32.71 15.51
CA LYS B 82 3.71 -33.76 15.93
C LYS B 82 5.02 -33.67 15.13
N LEU B 83 4.92 -33.61 13.80
CA LEU B 83 6.09 -33.57 12.86
C LEU B 83 6.93 -32.30 13.00
N VAL B 84 6.25 -31.16 13.17
CA VAL B 84 6.90 -29.86 13.42
C VAL B 84 7.71 -30.00 14.73
N LYS B 85 7.03 -30.41 15.83
CA LYS B 85 7.70 -30.64 17.12
C LYS B 85 8.92 -31.55 16.88
N ASP B 86 8.69 -32.76 16.31
CA ASP B 86 9.75 -33.82 16.09
C ASP B 86 10.91 -33.28 15.25
N SER B 87 10.62 -32.45 14.23
CA SER B 87 11.66 -31.86 13.37
C SER B 87 12.62 -30.96 14.17
N GLY B 88 12.19 -30.44 15.32
CA GLY B 88 13.10 -29.62 16.18
C GLY B 88 12.73 -28.13 16.30
N PHE B 89 11.45 -27.79 16.03
CA PHE B 89 10.85 -26.46 16.20
C PHE B 89 10.29 -26.39 17.62
N ASP B 90 10.51 -25.27 18.34
CA ASP B 90 10.04 -25.05 19.72
C ASP B 90 8.62 -24.46 19.73
N ALA B 91 8.18 -23.87 18.61
CA ALA B 91 6.99 -22.92 18.62
C ALA B 91 6.42 -22.75 17.19
N VAL B 92 5.13 -22.39 17.14
CA VAL B 92 4.38 -22.11 15.88
C VAL B 92 3.76 -20.72 15.96
N ARG B 93 3.95 -19.91 14.92
CA ARG B 93 3.04 -18.74 14.67
C ARG B 93 1.92 -19.23 13.79
N ILE B 94 0.68 -18.99 14.23
CA ILE B 94 -0.54 -19.32 13.50
C ILE B 94 -1.23 -18.01 13.06
N PRO B 95 -1.12 -17.62 11.78
CA PRO B 95 -1.93 -16.54 11.23
C PRO B 95 -3.42 -16.95 11.20
N VAL B 96 -4.32 -16.07 11.63
CA VAL B 96 -5.72 -16.42 11.69
C VAL B 96 -6.59 -15.30 11.11
N ALA B 97 -7.66 -15.70 10.43
CA ALA B 97 -8.64 -14.77 9.84
C ALA B 97 -9.90 -14.85 10.66
N TRP B 98 -10.60 -13.74 10.77
CA TRP B 98 -11.67 -13.56 11.71
C TRP B 98 -12.81 -12.79 11.06
N ASP B 99 -12.49 -11.75 10.27
CA ASP B 99 -13.55 -10.86 9.68
C ASP B 99 -14.61 -11.66 8.86
N GLN B 100 -14.18 -12.63 8.03
CA GLN B 100 -15.14 -13.46 7.08
C GLN B 100 -16.03 -14.40 7.94
N TYR B 101 -15.63 -14.72 9.18
CA TYR B 101 -16.41 -15.55 10.09
C TYR B 101 -17.34 -14.72 11.00
N ALA B 102 -17.51 -13.42 10.73
CA ALA B 102 -18.23 -12.51 11.61
C ALA B 102 -19.39 -11.82 10.88
N ASN B 103 -20.43 -11.58 11.68
CA ASN B 103 -21.55 -10.79 11.35
C ASN B 103 -21.11 -9.32 11.27
N GLN B 104 -21.31 -8.68 10.11
CA GLN B 104 -20.76 -7.36 9.86
C GLN B 104 -21.58 -6.27 10.56
N GLU B 105 -22.80 -6.54 11.06
CA GLU B 105 -23.56 -5.50 11.80
C GLU B 105 -23.14 -5.45 13.27
N SER B 106 -22.83 -6.60 13.86
CA SER B 106 -22.64 -6.79 15.34
C SER B 106 -21.18 -7.05 15.69
N ALA B 107 -20.41 -7.46 14.67
CA ALA B 107 -19.03 -7.98 14.73
C ALA B 107 -18.97 -9.26 15.59
N GLU B 108 -20.03 -10.07 15.54
CA GLU B 108 -20.07 -11.35 16.30
C GLU B 108 -19.37 -12.42 15.46
N ILE B 109 -18.30 -12.99 16.03
CA ILE B 109 -17.63 -14.09 15.38
C ILE B 109 -18.47 -15.37 15.66
N SER B 110 -18.71 -16.16 14.61
CA SER B 110 -19.19 -17.56 14.64
C SER B 110 -18.58 -18.33 15.83
N ALA B 111 -19.44 -18.97 16.62
CA ALA B 111 -19.02 -19.82 17.75
C ALA B 111 -18.27 -21.05 17.23
N ALA B 112 -18.57 -21.50 16.00
CA ALA B 112 -17.92 -22.70 15.39
C ALA B 112 -16.42 -22.44 15.15
N TRP B 113 -16.09 -21.28 14.56
CA TRP B 113 -14.69 -20.88 14.29
C TRP B 113 -13.94 -20.74 15.62
N LEU B 114 -14.55 -20.01 16.55
CA LEU B 114 -13.91 -19.78 17.84
C LEU B 114 -13.48 -21.14 18.38
N ASN B 115 -14.33 -22.15 18.19
CA ASN B 115 -14.07 -23.49 18.79
C ASN B 115 -12.97 -24.19 18.00
N ARG B 116 -12.99 -24.04 16.67
CA ARG B 116 -11.94 -24.57 15.78
C ARG B 116 -10.56 -23.99 16.12
N VAL B 117 -10.50 -22.67 16.32
CA VAL B 117 -9.23 -22.10 16.69
C VAL B 117 -8.79 -22.69 18.07
N LYS B 118 -9.73 -22.80 19.02
CA LYS B 118 -9.45 -23.32 20.40
C LYS B 118 -8.82 -24.72 20.28
N GLN B 119 -9.38 -25.50 19.35
CA GLN B 119 -9.02 -26.87 19.17
C GLN B 119 -7.60 -26.92 18.64
N VAL B 120 -7.27 -26.04 17.69
CA VAL B 120 -5.93 -26.08 17.11
C VAL B 120 -4.90 -25.56 18.14
N VAL B 121 -5.25 -24.58 18.97
CA VAL B 121 -4.30 -24.20 20.04
C VAL B 121 -4.08 -25.43 20.96
N GLN B 122 -5.13 -26.20 21.29
CA GLN B 122 -5.03 -27.38 22.20
C GLN B 122 -4.06 -28.42 21.62
N MET B 123 -4.23 -28.74 20.32
CA MET B 123 -3.40 -29.75 19.69
C MET B 123 -1.93 -29.29 19.73
N ALA B 124 -1.71 -27.99 19.56
CA ALA B 124 -0.36 -27.44 19.52
C ALA B 124 0.30 -27.62 20.88
N ILE B 125 -0.42 -27.21 21.94
CA ILE B 125 0.09 -27.31 23.35
C ILE B 125 0.24 -28.80 23.73
N ASP B 126 -0.69 -29.66 23.24
CA ASP B 126 -0.60 -31.11 23.39
C ASP B 126 0.76 -31.61 22.91
N ASN B 127 1.31 -31.03 21.83
CA ASN B 127 2.59 -31.45 21.24
C ASN B 127 3.74 -30.59 21.77
N GLU B 128 3.51 -29.92 22.91
CA GLU B 128 4.52 -29.18 23.68
C GLU B 128 5.13 -28.04 22.85
N LEU B 129 4.26 -27.30 22.11
CA LEU B 129 4.65 -26.10 21.31
C LEU B 129 4.17 -24.83 22.06
N TYR B 130 5.02 -23.80 22.03
CA TYR B 130 4.57 -22.42 22.13
C TYR B 130 3.75 -22.09 20.87
N VAL B 131 2.73 -21.24 21.07
CA VAL B 131 1.79 -20.86 20.05
C VAL B 131 1.55 -19.35 20.12
N LEU B 132 1.80 -18.65 19.00
CA LEU B 132 1.50 -17.23 18.87
C LEU B 132 0.32 -17.06 17.88
N ILE B 133 -0.86 -16.62 18.37
CA ILE B 133 -2.10 -16.40 17.52
C ILE B 133 -2.13 -14.92 17.16
N ASN B 134 -2.67 -14.53 15.99
CA ASN B 134 -2.82 -13.11 15.62
C ASN B 134 -4.17 -12.89 14.94
N ILE B 135 -4.47 -11.64 14.61
CA ILE B 135 -5.35 -11.28 13.49
C ILE B 135 -4.42 -10.93 12.31
N HIS B 136 -4.50 -11.65 11.20
CA HIS B 136 -3.56 -11.43 10.10
C HIS B 136 -4.11 -10.32 9.19
N TRP B 137 -3.62 -10.28 7.94
CA TRP B 137 -4.05 -9.32 6.87
C TRP B 137 -5.58 -9.32 6.83
N ASP B 138 -6.19 -10.53 6.86
CA ASP B 138 -7.64 -10.71 7.18
C ASP B 138 -8.55 -9.91 6.23
N GLY B 139 -8.16 -9.84 4.97
CA GLY B 139 -8.96 -9.14 3.96
C GLY B 139 -8.58 -7.68 3.81
N GLY B 140 -7.86 -7.10 4.82
CA GLY B 140 -7.28 -5.75 4.80
C GLY B 140 -8.02 -4.72 5.67
N TRP B 141 -8.98 -5.12 6.51
CA TRP B 141 -9.89 -4.18 7.10
C TRP B 141 -9.12 -3.22 7.99
N LEU B 142 -8.13 -3.76 8.74
CA LEU B 142 -7.19 -3.00 9.59
C LEU B 142 -5.90 -2.73 8.81
N GLU B 143 -5.29 -3.79 8.25
CA GLU B 143 -3.90 -3.78 7.72
C GLU B 143 -3.67 -2.67 6.70
N ASN B 144 -4.58 -2.47 5.76
CA ASN B 144 -4.39 -1.40 4.74
C ASN B 144 -5.18 -0.12 5.07
N ASN B 145 -5.63 0.02 6.33
CA ASN B 145 -6.46 1.15 6.79
C ASN B 145 -5.89 1.83 8.06
N ILE B 146 -4.60 2.20 8.03
CA ILE B 146 -3.96 2.85 9.21
C ILE B 146 -4.08 4.37 9.05
N THR B 147 -5.31 4.89 8.99
CA THR B 147 -5.57 6.27 8.48
C THR B 147 -6.50 6.99 9.45
N PRO B 148 -6.43 8.34 9.51
CA PRO B 148 -7.33 9.10 10.38
C PRO B 148 -8.83 8.77 10.22
N ALA B 149 -9.34 8.65 8.99
CA ALA B 149 -10.80 8.52 8.80
C ALA B 149 -11.30 7.11 9.18
N LYS B 150 -10.42 6.11 9.25
CA LYS B 150 -10.80 4.78 9.62
C LYS B 150 -10.46 4.53 11.12
N LYS B 151 -9.85 5.50 11.82
CA LYS B 151 -9.27 5.19 13.19
C LYS B 151 -10.38 4.73 14.18
N ASP B 152 -11.53 5.44 14.19
CA ASP B 152 -12.57 5.26 15.25
C ASP B 152 -13.29 3.91 15.02
N GLU B 153 -13.72 3.62 13.79
CA GLU B 153 -14.42 2.38 13.49
C GLU B 153 -13.49 1.16 13.57
N ASN B 154 -12.18 1.31 13.31
CA ASN B 154 -11.26 0.19 13.33
C ASN B 154 -10.89 -0.13 14.78
N ASN B 155 -10.82 0.92 15.62
CA ASN B 155 -10.59 0.66 17.06
C ASN B 155 -11.77 -0.16 17.64
N ALA B 156 -13.00 0.15 17.21
CA ALA B 156 -14.26 -0.55 17.71
C ALA B 156 -14.21 -2.04 17.31
N LYS B 157 -13.82 -2.31 16.06
CA LYS B 157 -13.74 -3.65 15.53
C LYS B 157 -12.61 -4.41 16.22
N GLN B 158 -11.50 -3.72 16.47
CA GLN B 158 -10.35 -4.32 17.10
C GLN B 158 -10.71 -4.76 18.53
N LYS B 159 -11.36 -3.87 19.29
CA LYS B 159 -11.90 -4.14 20.65
C LYS B 159 -12.88 -5.34 20.60
N ALA B 160 -13.85 -5.28 19.69
CA ALA B 160 -14.94 -6.32 19.64
C ALA B 160 -14.32 -7.70 19.40
N PHE B 161 -13.52 -7.87 18.34
CA PHE B 161 -12.85 -9.16 18.03
C PHE B 161 -11.92 -9.60 19.16
N TRP B 162 -11.04 -8.72 19.69
CA TRP B 162 -10.05 -9.20 20.72
C TRP B 162 -10.72 -9.62 22.06
N GLU B 163 -11.78 -8.91 22.45
CA GLU B 163 -12.64 -9.30 23.59
C GLU B 163 -13.11 -10.75 23.40
N GLN B 164 -13.56 -11.09 22.18
CA GLN B 164 -14.10 -12.44 21.90
C GLN B 164 -12.95 -13.46 21.84
N ILE B 165 -11.86 -13.15 21.13
CA ILE B 165 -10.71 -14.05 21.08
C ILE B 165 -10.14 -14.30 22.48
N ALA B 166 -10.01 -13.24 23.26
CA ALA B 166 -9.35 -13.36 24.57
C ALA B 166 -10.20 -14.17 25.57
N THR B 167 -11.48 -13.80 25.65
CA THR B 167 -12.51 -14.49 26.47
C THR B 167 -12.52 -16.00 26.22
N HIS B 168 -12.45 -16.39 24.94
CA HIS B 168 -12.60 -17.76 24.54
C HIS B 168 -11.33 -18.56 24.83
N LEU B 169 -10.16 -17.96 24.62
CA LEU B 169 -8.86 -18.64 24.88
C LEU B 169 -8.30 -18.31 26.29
N ARG B 170 -9.13 -17.76 27.19
CA ARG B 170 -8.66 -17.19 28.48
C ARG B 170 -7.87 -18.23 29.30
N ASP B 171 -8.25 -19.52 29.20
CA ASP B 171 -7.89 -20.50 30.22
C ASP B 171 -6.51 -21.13 29.94
N PHE B 172 -6.01 -20.99 28.70
CA PHE B 172 -4.67 -21.50 28.33
C PHE B 172 -3.57 -20.77 29.12
N ASP B 173 -2.50 -21.50 29.42
CA ASP B 173 -1.39 -20.99 30.18
C ASP B 173 -0.44 -20.27 29.22
N GLU B 174 0.84 -20.16 29.60
CA GLU B 174 1.77 -19.22 28.98
C GLU B 174 2.41 -19.82 27.71
N HIS B 175 1.97 -21.03 27.32
CA HIS B 175 2.34 -21.62 26.00
C HIS B 175 1.62 -20.86 24.86
N LEU B 176 0.70 -19.97 25.25
CA LEU B 176 -0.05 -19.15 24.31
C LEU B 176 0.30 -17.67 24.51
N LEU B 177 0.72 -17.04 23.40
CA LEU B 177 0.91 -15.58 23.27
C LEU B 177 -0.15 -15.02 22.31
N PHE B 178 -0.39 -13.71 22.37
CA PHE B 178 -1.24 -13.02 21.38
C PHE B 178 -0.46 -11.91 20.68
N ALA B 179 -0.61 -11.86 19.35
CA ALA B 179 -0.10 -10.78 18.51
C ALA B 179 -1.28 -10.01 17.92
N GLY B 180 -1.36 -8.73 18.26
CA GLY B 180 -2.51 -7.84 17.98
C GLY B 180 -2.77 -7.56 16.51
N THR B 181 -1.73 -7.53 15.67
CA THR B 181 -1.86 -7.24 14.22
C THR B 181 -0.81 -8.06 13.43
N ASN B 182 -0.77 -7.87 12.09
CA ASN B 182 0.22 -8.54 11.25
C ASN B 182 1.28 -7.54 10.76
N ALA B 183 1.03 -6.87 9.61
CA ALA B 183 2.00 -5.99 8.94
C ALA B 183 1.31 -4.66 8.63
N PRO B 184 0.87 -3.95 9.68
CA PRO B 184 0.12 -2.70 9.51
C PRO B 184 0.81 -1.73 8.56
N ASN B 185 0.06 -1.22 7.57
CA ASN B 185 0.63 -0.29 6.52
C ASN B 185 0.71 1.15 7.06
N ALA B 186 1.74 1.41 7.87
CA ALA B 186 2.01 2.79 8.43
C ALA B 186 3.39 3.33 7.95
N GLU B 187 3.38 4.45 7.23
CA GLU B 187 4.57 4.85 6.41
C GLU B 187 5.15 6.18 6.89
N ASN B 188 4.45 6.87 7.82
CA ASN B 188 4.86 8.17 8.29
C ASN B 188 4.30 8.35 9.71
N ALA B 189 4.67 9.47 10.34
CA ALA B 189 4.45 9.68 11.77
C ALA B 189 2.95 9.75 12.05
N GLU B 190 2.21 10.28 11.09
CA GLU B 190 0.76 10.43 11.31
C GLU B 190 0.09 9.03 11.38
N GLN B 191 0.47 8.16 10.44
CA GLN B 191 -0.03 6.83 10.41
C GLN B 191 0.45 6.09 11.68
N MET B 192 1.69 6.34 12.11
CA MET B 192 2.22 5.57 13.27
C MET B 192 1.39 5.88 14.53
N ASP B 193 0.91 7.12 14.64
CA ASP B 193 0.05 7.59 15.76
C ASP B 193 -1.29 6.83 15.72
N VAL B 194 -1.85 6.63 14.53
CA VAL B 194 -3.07 5.76 14.40
C VAL B 194 -2.74 4.32 14.85
N LEU B 195 -1.64 3.74 14.38
CA LEU B 195 -1.29 2.30 14.70
C LEU B 195 -1.07 2.16 16.21
N ASN B 196 -0.42 3.13 16.83
CA ASN B 196 -0.24 3.13 18.29
C ASN B 196 -1.62 3.00 19.00
N SER B 197 -2.67 3.66 18.47
CA SER B 197 -4.00 3.54 19.14
C SER B 197 -4.59 2.12 18.90
N TYR B 198 -4.43 1.54 17.71
CA TYR B 198 -4.91 0.14 17.45
C TYR B 198 -4.20 -0.84 18.38
N LEU B 199 -2.92 -0.59 18.66
CA LEU B 199 -2.15 -1.51 19.48
C LEU B 199 -2.60 -1.37 20.96
N GLN B 200 -2.85 -0.13 21.41
CA GLN B 200 -3.33 0.14 22.82
C GLN B 200 -4.73 -0.48 23.02
N THR B 201 -5.63 -0.28 22.07
CA THR B 201 -6.97 -0.97 22.09
C THR B 201 -6.83 -2.50 22.30
N PHE B 202 -5.87 -3.10 21.56
CA PHE B 202 -5.58 -4.50 21.66
C PHE B 202 -5.19 -4.86 23.12
N VAL B 203 -4.16 -4.23 23.68
CA VAL B 203 -3.70 -4.55 25.05
C VAL B 203 -4.86 -4.43 26.07
N ASP B 204 -5.59 -3.33 26.02
CA ASP B 204 -6.64 -3.05 26.98
C ASP B 204 -7.75 -4.08 26.83
N ALA B 205 -8.13 -4.44 25.59
CA ALA B 205 -9.18 -5.49 25.38
C ALA B 205 -8.78 -6.78 26.11
N VAL B 206 -7.52 -7.19 25.93
CA VAL B 206 -7.10 -8.48 26.37
C VAL B 206 -7.09 -8.44 27.90
N ARG B 207 -6.44 -7.41 28.45
CA ARG B 207 -6.29 -7.25 29.91
C ARG B 207 -7.66 -7.08 30.57
N SER B 208 -8.64 -6.43 29.91
CA SER B 208 -9.97 -6.17 30.55
C SER B 208 -10.73 -7.47 30.83
N THR B 209 -10.38 -8.56 30.14
CA THR B 209 -11.06 -9.85 30.23
C THR B 209 -10.51 -10.59 31.48
N GLY B 210 -9.32 -10.22 31.96
CA GLY B 210 -8.82 -10.78 33.22
C GLY B 210 -8.57 -12.29 33.18
N GLY B 211 -8.61 -12.95 34.35
CA GLY B 211 -8.15 -14.35 34.48
C GLY B 211 -6.66 -14.47 34.18
N LYS B 212 -6.27 -15.51 33.43
CA LYS B 212 -4.85 -15.66 33.05
C LYS B 212 -4.40 -14.53 32.08
N ASN B 213 -5.36 -13.86 31.41
CA ASN B 213 -5.14 -12.78 30.39
C ASN B 213 -4.66 -11.49 31.05
N ALA B 214 -4.82 -11.36 32.36
CA ALA B 214 -4.22 -10.24 33.07
C ALA B 214 -2.68 -10.31 33.04
N TYR B 215 -2.07 -11.49 32.85
CA TYR B 215 -0.61 -11.72 32.84
C TYR B 215 -0.07 -12.27 31.48
N ARG B 216 -0.89 -12.39 30.44
CA ARG B 216 -0.42 -13.08 29.19
C ARG B 216 0.63 -12.23 28.49
N VAL B 217 1.69 -12.85 27.98
CA VAL B 217 2.63 -12.11 27.14
C VAL B 217 1.92 -11.74 25.84
N LEU B 218 2.09 -10.48 25.43
CA LEU B 218 1.43 -9.91 24.23
C LEU B 218 2.50 -9.33 23.31
N VAL B 219 2.27 -9.42 21.97
CA VAL B 219 3.28 -9.05 20.99
C VAL B 219 2.71 -7.94 20.10
N LEU B 220 3.44 -6.80 19.97
CA LEU B 220 3.02 -5.64 19.19
C LEU B 220 3.92 -5.44 17.96
N GLN B 221 3.32 -5.02 16.85
CA GLN B 221 3.99 -4.93 15.53
C GLN B 221 4.53 -3.51 15.22
N GLY B 222 5.78 -3.50 14.74
CA GLY B 222 6.32 -2.32 14.06
C GLY B 222 5.55 -1.98 12.78
N PRO B 223 5.63 -0.73 12.30
CA PRO B 223 5.06 -0.35 11.03
C PRO B 223 5.64 -1.20 9.89
N VAL B 224 4.71 -1.80 9.12
CA VAL B 224 4.88 -2.73 8.01
C VAL B 224 5.73 -3.94 8.44
N THR B 225 5.89 -4.11 9.75
CA THR B 225 6.87 -5.00 10.40
C THR B 225 8.26 -4.87 9.72
N ASP B 226 8.55 -3.68 9.25
CA ASP B 226 9.81 -3.34 8.56
C ASP B 226 10.80 -2.79 9.58
N ILE B 227 12.04 -3.30 9.59
CA ILE B 227 13.08 -2.86 10.50
C ILE B 227 13.41 -1.37 10.38
N GLU B 228 13.59 -0.86 9.16
CA GLU B 228 14.05 0.50 9.00
C GLU B 228 12.87 1.44 9.31
N LYS B 229 11.64 1.10 8.91
CA LYS B 229 10.50 2.00 9.33
C LYS B 229 10.33 2.03 10.86
N THR B 230 10.57 0.88 11.51
CA THR B 230 10.35 0.74 12.93
C THR B 230 11.37 1.63 13.66
N ASN B 231 12.65 1.64 13.18
CA ASN B 231 13.75 2.42 13.73
C ASN B 231 13.46 3.91 13.53
N GLU B 232 12.78 4.25 12.44
CA GLU B 232 12.56 5.62 12.14
C GLU B 232 11.35 6.19 12.90
N LEU B 233 10.24 5.44 13.07
CA LEU B 233 8.91 6.00 13.49
C LEU B 233 8.45 5.52 14.86
N TRP B 234 8.94 4.39 15.36
CA TRP B 234 8.46 3.86 16.66
C TRP B 234 8.71 4.91 17.76
N THR B 235 7.73 5.11 18.65
CA THR B 235 7.82 6.08 19.75
C THR B 235 7.82 5.34 21.09
N HIS B 236 6.78 4.56 21.38
N HIS B 236 6.75 4.61 21.43
CA HIS B 236 6.71 3.84 22.67
CA HIS B 236 6.70 3.93 22.76
C HIS B 236 5.85 2.59 22.56
C HIS B 236 5.80 2.70 22.67
N MET B 237 6.05 1.69 23.53
CA MET B 237 5.10 0.60 23.79
C MET B 237 3.80 1.15 24.38
N PRO B 238 2.68 0.40 24.25
CA PRO B 238 1.39 0.78 24.84
C PRO B 238 1.54 0.74 26.35
N ALA B 239 0.68 1.48 27.07
CA ALA B 239 0.64 1.40 28.56
C ALA B 239 -0.17 0.15 28.94
N ASP B 240 0.52 -0.75 29.62
CA ASP B 240 0.02 -1.96 30.13
C ASP B 240 -0.14 -1.79 31.66
N THR B 241 -1.15 -2.48 32.19
CA THR B 241 -1.38 -2.60 33.61
C THR B 241 -0.56 -3.76 34.17
N ALA B 242 -0.18 -4.76 33.36
CA ALA B 242 0.80 -5.81 33.74
C ALA B 242 2.20 -5.29 33.51
N THR B 243 3.18 -5.89 34.21
CA THR B 243 4.58 -5.42 34.24
C THR B 243 5.48 -6.41 33.46
N ASP B 244 6.30 -5.90 32.54
CA ASP B 244 7.33 -6.73 31.81
C ASP B 244 6.70 -7.92 31.07
N ARG B 245 5.50 -7.74 30.47
CA ARG B 245 4.84 -8.82 29.73
C ARG B 245 4.63 -8.44 28.24
N LEU B 246 5.54 -7.66 27.63
CA LEU B 246 5.41 -7.23 26.18
C LEU B 246 6.65 -7.64 25.35
N MET B 247 6.41 -7.95 24.06
CA MET B 247 7.40 -8.24 23.02
C MET B 247 7.09 -7.35 21.80
N ALA B 248 8.12 -7.00 21.02
CA ALA B 248 7.93 -6.34 19.77
C ALA B 248 8.09 -7.37 18.64
N GLU B 249 7.50 -7.07 17.46
CA GLU B 249 7.55 -7.96 16.27
C GLU B 249 7.97 -7.16 15.03
N VAL B 250 8.94 -7.72 14.29
CA VAL B 250 9.30 -7.29 12.94
C VAL B 250 9.40 -8.55 12.04
N HIS B 251 9.46 -8.33 10.71
CA HIS B 251 9.58 -9.41 9.68
C HIS B 251 10.86 -9.13 8.89
N PHE B 252 11.24 -10.05 7.98
CA PHE B 252 12.48 -9.90 7.25
C PHE B 252 12.42 -10.70 5.92
N TYR B 253 12.38 -9.93 4.81
CA TYR B 253 12.53 -10.47 3.43
C TYR B 253 13.63 -9.72 2.67
N THR B 254 14.69 -9.32 3.37
CA THR B 254 15.79 -8.51 2.82
C THR B 254 16.92 -9.40 2.28
N PRO B 255 17.44 -9.15 1.06
CA PRO B 255 16.89 -8.30 0.02
C PRO B 255 15.75 -8.98 -0.76
N TYR B 256 14.66 -8.21 -0.99
CA TYR B 256 13.48 -8.65 -1.78
C TYR B 256 13.96 -9.32 -3.10
N ASN B 257 14.95 -8.74 -3.78
CA ASN B 257 15.31 -9.22 -5.13
C ASN B 257 15.55 -10.76 -5.05
N PHE B 258 16.09 -11.23 -3.91
CA PHE B 258 16.54 -12.65 -3.74
C PHE B 258 15.37 -13.47 -3.23
N ALA B 259 14.66 -12.93 -2.23
CA ALA B 259 13.84 -13.72 -1.40
C ALA B 259 12.47 -13.90 -2.02
N LEU B 260 11.98 -12.87 -2.74
CA LEU B 260 10.59 -12.94 -3.30
C LEU B 260 10.44 -12.49 -4.78
N MET B 261 11.39 -11.85 -5.41
CA MET B 261 11.12 -11.25 -6.72
C MET B 261 10.97 -12.36 -7.80
N ARG B 262 9.81 -12.45 -8.45
CA ARG B 262 9.48 -13.47 -9.46
C ARG B 262 9.80 -13.05 -10.92
N GLN B 263 10.05 -11.78 -11.21
CA GLN B 263 10.43 -11.33 -12.58
C GLN B 263 11.38 -10.11 -12.51
N ASP B 264 12.28 -9.97 -13.51
CA ASP B 264 13.05 -8.74 -13.67
C ASP B 264 12.05 -7.59 -13.89
N GLU B 265 12.47 -6.38 -13.53
CA GLU B 265 11.74 -5.10 -13.62
C GLU B 265 12.70 -3.99 -14.04
N SER B 266 12.19 -2.85 -14.47
CA SER B 266 13.05 -1.74 -14.93
C SER B 266 13.82 -1.12 -13.77
N TRP B 267 13.29 -1.24 -12.55
CA TRP B 267 13.99 -0.75 -11.33
C TRP B 267 14.95 -1.79 -10.73
N GLY B 268 14.85 -3.08 -11.07
CA GLY B 268 15.94 -4.03 -10.73
C GLY B 268 15.76 -5.48 -11.23
N LYS B 269 16.86 -6.23 -11.07
CA LYS B 269 17.11 -7.61 -11.47
C LYS B 269 16.89 -8.55 -10.26
N GLN B 270 16.30 -9.71 -10.51
CA GLN B 270 16.25 -10.82 -9.61
C GLN B 270 17.69 -11.19 -9.21
N PHE B 271 17.86 -11.54 -7.92
CA PHE B 271 19.08 -12.22 -7.40
C PHE B 271 18.76 -13.72 -7.26
N TYR B 272 19.55 -14.57 -7.95
CA TYR B 272 19.40 -16.06 -7.88
C TYR B 272 20.27 -16.66 -6.77
N TYR B 273 21.37 -15.97 -6.47
CA TYR B 273 22.49 -16.39 -5.60
C TYR B 273 22.63 -15.39 -4.44
N TRP B 274 23.12 -15.87 -3.29
CA TRP B 274 23.39 -15.02 -2.10
C TRP B 274 24.42 -15.77 -1.24
N GLY B 275 25.36 -15.04 -0.63
CA GLY B 275 26.29 -15.57 0.35
C GLY B 275 27.71 -15.43 -0.15
N GLU B 276 28.63 -14.95 0.72
CA GLU B 276 30.09 -14.80 0.41
C GLU B 276 30.64 -16.19 0.15
N GLY B 277 31.33 -16.35 -0.98
CA GLY B 277 31.77 -17.69 -1.46
C GLY B 277 30.62 -18.54 -1.93
N PHE B 278 29.64 -17.89 -2.57
CA PHE B 278 28.47 -18.55 -3.16
C PHE B 278 27.96 -17.70 -4.34
N LEU B 279 28.80 -16.83 -4.90
CA LEU B 279 28.47 -15.89 -5.94
C LEU B 279 29.00 -16.34 -7.32
N SER B 280 28.09 -16.66 -8.26
CA SER B 280 28.52 -16.95 -9.65
C SER B 280 29.68 -16.02 -10.01
N THR B 281 30.68 -16.53 -10.76
CA THR B 281 31.89 -15.77 -11.18
C THR B 281 31.81 -15.32 -12.65
N THR B 282 30.74 -15.78 -13.34
CA THR B 282 30.53 -15.77 -14.79
C THR B 282 29.36 -14.82 -15.12
N ASP B 283 28.15 -15.26 -14.83
N ASP B 283 28.17 -15.32 -14.77
CA ASP B 283 26.98 -14.42 -14.73
CA ASP B 283 26.81 -14.71 -14.75
C ASP B 283 27.10 -13.54 -13.46
C ASP B 283 26.68 -13.71 -13.60
N THR B 284 27.92 -12.50 -13.45
N THR B 284 27.70 -12.85 -13.41
CA THR B 284 27.96 -11.66 -12.25
CA THR B 284 27.78 -11.93 -12.29
C THR B 284 26.69 -10.78 -12.14
C THR B 284 26.43 -11.23 -12.03
N GLU B 285 25.75 -10.82 -13.11
CA GLU B 285 24.56 -9.99 -13.04
C GLU B 285 23.48 -10.54 -12.08
N ARG B 286 23.58 -11.80 -11.61
CA ARG B 286 22.56 -12.41 -10.76
C ARG B 286 23.07 -12.59 -9.31
N ASN B 287 24.19 -11.96 -9.01
CA ASN B 287 24.68 -11.82 -7.64
C ASN B 287 24.00 -10.59 -7.01
N PRO B 288 23.95 -10.46 -5.66
CA PRO B 288 23.35 -9.28 -5.05
C PRO B 288 24.17 -8.02 -5.31
N THR B 289 23.49 -6.88 -5.41
CA THR B 289 24.14 -5.59 -5.40
C THR B 289 23.86 -4.81 -4.08
N TRP B 290 23.21 -5.43 -3.10
CA TRP B 290 22.85 -4.86 -1.77
C TRP B 290 22.25 -5.99 -0.93
N GLY B 291 22.09 -5.81 0.38
CA GLY B 291 21.35 -6.77 1.16
C GLY B 291 22.16 -8.02 1.46
N GLU B 292 23.48 -7.88 1.57
CA GLU B 292 24.39 -9.00 1.95
C GLU B 292 24.64 -9.03 3.48
N GLU B 293 25.44 -10.04 3.90
CA GLU B 293 25.68 -10.44 5.31
C GLU B 293 25.83 -9.22 6.21
N ALA B 294 26.62 -8.23 5.79
CA ALA B 294 26.88 -7.03 6.55
C ALA B 294 25.55 -6.29 6.84
N THR B 295 24.69 -6.23 5.81
CA THR B 295 23.52 -5.35 5.90
C THR B 295 22.57 -6.01 6.88
N ILE B 296 22.54 -7.34 6.86
CA ILE B 296 21.72 -8.16 7.78
C ILE B 296 22.08 -7.87 9.24
N ASP B 297 23.40 -7.83 9.53
CA ASP B 297 24.01 -7.52 10.84
C ASP B 297 23.64 -6.11 11.28
N GLN B 298 23.85 -5.09 10.42
CA GLN B 298 23.46 -3.68 10.72
C GLN B 298 21.96 -3.62 11.08
N LEU B 299 21.10 -4.23 10.24
CA LEU B 299 19.60 -4.11 10.43
C LEU B 299 19.20 -4.77 11.77
N PHE B 300 19.70 -5.98 12.04
CA PHE B 300 19.29 -6.67 13.27
C PHE B 300 19.80 -5.92 14.53
N ASP B 301 20.97 -5.27 14.38
CA ASP B 301 21.58 -4.42 15.44
C ASP B 301 20.64 -3.28 15.83
N LEU B 302 20.02 -2.58 14.84
CA LEU B 302 19.05 -1.48 15.18
C LEU B 302 18.04 -2.00 16.21
N MET B 303 17.62 -3.25 16.10
CA MET B 303 16.52 -3.76 16.92
C MET B 303 17.07 -4.25 18.26
N LYS B 304 18.34 -4.68 18.31
CA LYS B 304 19.02 -4.99 19.62
C LYS B 304 19.03 -3.72 20.47
N THR B 305 19.51 -2.62 19.88
CA THR B 305 19.62 -1.32 20.54
C THR B 305 18.23 -0.90 21.04
N LYS B 306 17.28 -0.78 20.12
CA LYS B 306 16.01 -0.17 20.40
C LYS B 306 15.20 -0.99 21.42
N PHE B 307 15.20 -2.31 21.28
CA PHE B 307 14.29 -3.13 22.10
C PHE B 307 15.06 -4.07 23.05
N VAL B 308 15.83 -5.00 22.50
CA VAL B 308 16.38 -6.14 23.31
C VAL B 308 17.19 -5.62 24.51
N ASP B 309 18.01 -4.60 24.25
CA ASP B 309 18.95 -4.04 25.22
C ASP B 309 18.21 -3.31 26.36
N GLN B 310 16.90 -3.03 26.18
CA GLN B 310 16.10 -2.31 27.09
C GLN B 310 15.12 -3.25 27.76
N GLY B 311 15.36 -4.55 27.70
CA GLY B 311 14.51 -5.63 28.26
C GLY B 311 13.22 -5.97 27.49
N ILE B 312 13.11 -5.65 26.18
CA ILE B 312 11.91 -6.02 25.32
C ILE B 312 12.39 -7.05 24.28
N PRO B 313 11.97 -8.33 24.34
CA PRO B 313 12.38 -9.33 23.33
C PRO B 313 11.72 -9.03 21.98
N VAL B 314 12.35 -9.42 20.87
CA VAL B 314 11.85 -9.20 19.50
C VAL B 314 11.56 -10.55 18.83
N VAL B 315 10.31 -10.69 18.39
CA VAL B 315 9.81 -11.76 17.59
C VAL B 315 10.06 -11.46 16.10
N LEU B 316 10.90 -12.28 15.47
CA LEU B 316 11.13 -12.17 14.02
C LEU B 316 10.08 -13.08 13.40
N GLY B 317 8.87 -12.49 13.26
CA GLY B 317 7.67 -13.23 13.06
C GLY B 317 7.63 -13.92 11.69
N GLU B 318 8.34 -13.39 10.68
CA GLU B 318 8.39 -14.05 9.32
C GLU B 318 9.75 -13.84 8.67
N PHE B 319 10.29 -14.94 8.10
CA PHE B 319 11.35 -14.88 7.13
C PHE B 319 11.33 -16.19 6.28
N SER B 320 11.60 -16.06 4.98
CA SER B 320 11.99 -17.16 4.04
C SER B 320 12.31 -16.61 2.64
N ALA B 321 13.30 -17.23 1.99
CA ALA B 321 13.66 -17.04 0.54
C ALA B 321 13.14 -18.25 -0.23
N MET B 322 12.32 -17.96 -1.24
CA MET B 322 11.58 -18.96 -2.01
C MET B 322 12.53 -19.86 -2.84
N ARG B 323 12.08 -21.06 -3.22
CA ARG B 323 12.89 -22.00 -4.09
C ARG B 323 12.66 -21.64 -5.58
N ARG B 324 13.76 -21.61 -6.34
CA ARG B 324 13.73 -21.29 -7.75
C ARG B 324 13.96 -22.57 -8.57
N THR B 325 12.98 -23.48 -8.56
CA THR B 325 13.16 -24.74 -9.30
C THR B 325 12.85 -24.61 -10.82
N ASN B 326 13.00 -23.38 -11.36
CA ASN B 326 12.95 -23.05 -12.75
C ASN B 326 14.40 -22.88 -13.26
N LEU B 327 15.35 -22.70 -12.34
CA LEU B 327 16.75 -22.83 -12.69
C LEU B 327 17.06 -24.30 -13.04
N THR B 328 18.21 -24.48 -13.69
CA THR B 328 18.64 -25.82 -14.07
C THR B 328 20.17 -25.95 -13.97
N GLY B 329 20.57 -27.19 -13.65
CA GLY B 329 21.90 -27.64 -13.78
C GLY B 329 22.73 -27.09 -12.65
N ASP B 330 23.83 -26.45 -13.04
CA ASP B 330 24.78 -25.79 -12.17
C ASP B 330 24.14 -24.56 -11.50
N ALA B 331 23.04 -24.05 -12.04
CA ALA B 331 22.41 -22.85 -11.49
C ALA B 331 21.49 -23.29 -10.34
N LEU B 332 20.65 -24.29 -10.62
CA LEU B 332 19.74 -24.86 -9.61
C LEU B 332 20.55 -25.27 -8.37
N THR B 333 21.65 -26.03 -8.56
CA THR B 333 22.40 -26.65 -7.43
C THR B 333 23.09 -25.52 -6.65
N LEU B 334 23.65 -24.54 -7.38
CA LEU B 334 24.32 -23.36 -6.83
C LEU B 334 23.38 -22.33 -6.14
N HIS B 335 22.11 -22.28 -6.55
CA HIS B 335 21.14 -21.39 -5.90
C HIS B 335 20.58 -22.09 -4.66
N LEU B 336 20.44 -23.42 -4.72
CA LEU B 336 19.83 -24.14 -3.64
C LEU B 336 20.80 -24.10 -2.46
N ALA B 337 22.08 -23.88 -2.78
CA ALA B 337 23.14 -23.91 -1.82
C ALA B 337 23.22 -22.57 -1.08
N GLY B 338 23.15 -21.46 -1.84
CA GLY B 338 23.06 -20.10 -1.29
C GLY B 338 21.79 -19.89 -0.47
N ARG B 339 20.66 -20.46 -0.91
CA ARG B 339 19.33 -20.32 -0.25
C ARG B 339 19.33 -21.00 1.13
N ALA B 340 19.86 -22.24 1.21
CA ALA B 340 20.04 -22.96 2.47
C ALA B 340 20.83 -22.09 3.47
N TYR B 341 21.91 -21.48 2.98
CA TYR B 341 22.88 -20.72 3.78
C TYR B 341 22.29 -19.38 4.25
N TYR B 342 21.40 -18.82 3.42
CA TYR B 342 20.68 -17.61 3.73
C TYR B 342 19.90 -17.84 5.01
N HIS B 343 19.27 -19.00 5.11
CA HIS B 343 18.39 -19.38 6.16
C HIS B 343 19.19 -19.66 7.43
N LYS B 344 20.35 -20.32 7.30
CA LYS B 344 21.25 -20.61 8.43
C LYS B 344 21.75 -19.28 9.03
N TYR B 345 22.15 -18.35 8.15
CA TYR B 345 22.79 -17.12 8.53
C TYR B 345 21.76 -16.20 9.25
N VAL B 346 20.53 -16.14 8.74
CA VAL B 346 19.46 -15.32 9.38
C VAL B 346 19.09 -15.94 10.73
N THR B 347 18.90 -17.25 10.80
CA THR B 347 18.54 -17.94 12.04
C THR B 347 19.61 -17.68 13.13
N GLN B 348 20.91 -17.75 12.78
CA GLN B 348 22.00 -17.73 13.74
C GLN B 348 22.28 -16.28 14.13
N GLN B 349 22.24 -15.38 13.14
CA GLN B 349 22.55 -14.00 13.43
C GLN B 349 21.37 -13.29 14.12
N ALA B 350 20.14 -13.84 14.02
CA ALA B 350 18.97 -13.26 14.74
C ALA B 350 19.01 -13.72 16.21
N LEU B 351 19.11 -15.03 16.43
CA LEU B 351 19.17 -15.61 17.82
C LEU B 351 20.31 -14.97 18.65
N ALA B 352 21.43 -14.62 18.01
CA ALA B 352 22.64 -14.02 18.65
C ALA B 352 22.41 -12.59 19.16
N ARG B 353 21.37 -11.90 18.71
CA ARG B 353 21.13 -10.48 18.99
C ARG B 353 19.76 -10.37 19.67
N GLY B 354 19.22 -11.50 20.16
CA GLY B 354 17.93 -11.42 20.92
C GLY B 354 16.65 -11.38 20.08
N LEU B 355 16.70 -11.78 18.79
CA LEU B 355 15.52 -11.87 17.94
C LEU B 355 15.14 -13.34 17.90
N LEU B 356 13.85 -13.66 17.81
CA LEU B 356 13.39 -15.08 17.77
C LEU B 356 12.93 -15.41 16.34
N PRO B 357 13.68 -16.24 15.55
CA PRO B 357 13.37 -16.48 14.14
C PRO B 357 12.18 -17.41 13.87
N PHE B 358 11.09 -16.90 13.27
CA PHE B 358 9.90 -17.72 12.85
C PHE B 358 9.91 -17.87 11.33
N TYR B 359 10.04 -19.13 10.84
CA TYR B 359 10.23 -19.41 9.38
C TYR B 359 8.84 -19.29 8.69
N TRP B 360 8.76 -18.58 7.56
CA TRP B 360 7.47 -18.46 6.83
C TRP B 360 7.27 -19.62 5.83
N ASP B 361 6.19 -20.37 6.02
CA ASP B 361 5.90 -21.61 5.28
C ASP B 361 4.49 -21.54 4.68
N ASN B 362 4.43 -21.33 3.34
CA ASN B 362 3.17 -21.21 2.64
C ASN B 362 2.61 -22.59 2.21
N GLY B 363 3.37 -23.68 2.43
CA GLY B 363 2.79 -25.03 2.24
C GLY B 363 3.07 -25.66 0.86
N GLY B 364 3.32 -24.83 -0.16
CA GLY B 364 3.59 -25.22 -1.55
C GLY B 364 4.96 -25.86 -1.70
N ASN B 365 5.10 -26.70 -2.74
CA ASN B 365 6.34 -27.49 -3.02
C ASN B 365 6.83 -27.26 -4.46
N ASP B 366 6.22 -26.33 -5.19
CA ASP B 366 6.58 -26.00 -6.60
C ASP B 366 7.50 -24.78 -6.64
N ASN B 367 7.95 -24.43 -7.85
CA ASN B 367 8.72 -23.20 -8.06
C ASN B 367 8.04 -22.01 -7.36
N PHE B 368 8.89 -21.13 -6.80
CA PHE B 368 8.54 -19.87 -6.11
C PHE B 368 7.76 -20.13 -4.80
N SER B 369 7.85 -21.33 -4.26
CA SER B 369 7.14 -21.65 -3.00
C SER B 369 8.13 -21.62 -1.83
N SER B 370 7.59 -21.85 -0.63
CA SER B 370 8.37 -21.76 0.59
C SER B 370 8.04 -22.89 1.57
N GLY B 371 7.25 -23.89 1.17
CA GLY B 371 6.95 -25.01 2.06
C GLY B 371 8.16 -25.92 2.22
N ILE B 372 8.43 -26.33 3.45
CA ILE B 372 9.54 -27.24 3.76
C ILE B 372 8.99 -28.66 4.00
N PHE B 373 7.73 -28.78 4.41
CA PHE B 373 7.05 -30.02 4.54
C PHE B 373 6.12 -30.16 3.34
N ASN B 374 5.53 -31.36 3.26
CA ASN B 374 4.46 -31.73 2.36
C ASN B 374 3.26 -32.09 3.23
N ARG B 375 2.23 -31.23 3.19
CA ARG B 375 1.18 -31.19 4.23
C ARG B 375 0.19 -32.34 3.99
N GLN B 376 0.06 -32.75 2.73
CA GLN B 376 -0.87 -33.80 2.29
C GLN B 376 -0.35 -35.15 2.81
N GLN B 377 0.93 -35.43 2.54
CA GLN B 377 1.70 -36.66 2.94
C GLN B 377 2.05 -36.62 4.45
N ASN B 378 2.31 -35.41 4.98
CA ASN B 378 2.84 -35.20 6.34
C ASN B 378 4.27 -35.76 6.40
N THR B 379 5.06 -35.49 5.35
CA THR B 379 6.49 -35.86 5.24
C THR B 379 7.36 -34.60 5.14
N VAL B 380 8.69 -34.75 5.28
CA VAL B 380 9.63 -33.66 5.04
C VAL B 380 9.92 -33.55 3.53
N PHE B 381 9.47 -32.45 2.92
CA PHE B 381 9.70 -32.21 1.51
C PHE B 381 11.09 -31.61 1.29
N ASP B 382 11.66 -30.86 2.24
CA ASP B 382 12.89 -30.07 1.94
C ASP B 382 13.92 -30.09 3.09
N GLN B 383 14.83 -31.08 3.06
CA GLN B 383 15.75 -31.39 4.18
C GLN B 383 16.95 -30.45 4.15
N GLN B 384 17.37 -29.99 2.97
CA GLN B 384 18.53 -29.03 2.85
C GLN B 384 18.25 -27.73 3.65
N VAL B 385 16.99 -27.26 3.68
CA VAL B 385 16.65 -25.95 4.34
C VAL B 385 16.48 -26.21 5.85
N LEU B 386 15.78 -27.30 6.20
CA LEU B 386 15.55 -27.65 7.59
C LEU B 386 16.90 -27.79 8.32
N ASP B 387 17.75 -28.73 7.88
CA ASP B 387 19.07 -28.91 8.43
C ASP B 387 19.75 -27.55 8.59
N ALA B 388 19.55 -26.63 7.62
CA ALA B 388 20.24 -25.30 7.71
C ALA B 388 19.67 -24.41 8.84
N LEU B 389 18.33 -24.44 9.00
CA LEU B 389 17.66 -23.75 10.11
C LEU B 389 18.12 -24.39 11.44
N LEU B 390 18.43 -25.69 11.39
CA LEU B 390 18.62 -26.41 12.60
C LEU B 390 20.05 -26.19 13.09
N GLU B 391 21.01 -26.07 12.16
CA GLU B 391 22.38 -25.69 12.43
C GLU B 391 22.38 -24.27 12.93
N GLY B 392 21.49 -23.43 12.37
CA GLY B 392 21.38 -22.00 12.75
C GLY B 392 21.14 -21.79 14.24
N ALA B 393 20.23 -22.58 14.81
CA ALA B 393 19.71 -22.49 16.18
C ALA B 393 20.70 -23.08 17.22
#